data_8EM2
#
_entry.id   8EM2
#
_cell.length_a   1.00
_cell.length_b   1.00
_cell.length_c   1.00
_cell.angle_alpha   90.00
_cell.angle_beta   90.00
_cell.angle_gamma   90.00
#
_symmetry.space_group_name_H-M   'P 1'
#
loop_
_entity.id
_entity.type
_entity.pdbx_description
1 polymer 'GDH/6PGL endoplasmic bifunctional protein'
2 non-polymer 2-acetamido-2-deoxy-beta-D-glucopyranose
#
_entity_poly.entity_id   1
_entity_poly.type   'polypeptide(L)'
_entity_poly.pdbx_seq_one_letter_code
;MWNMLIVAMCLALLGCLQAQELQGHVSIILLGATGDLAKKYLWQGLFQLYLDEAGRGHSFSFHGAALTAPKQGQELMAKA
LESLSCPKDMAPSHCAEHKDQFLQLSQYRQLKTAEDYQALNKDIEAQLQHAGLREAGRIFYFSVPPFAYEDIARNINSSC
RPGPGAWLRVVLEKPFGHDHFSAQQLATELGTFFQEEEMYRVDHYLGKQAVAQILPFRDQNRKALDGLWNRHHVERVEII
MKETVDAEGRTSFYEEYGVIRDVLQNHLTEVLTLVAMELPHNVSSAEAVLRHKLQVFQALRGLQRGSAVVGQYQSYSEQV
RRELQKPDSFHSLTPTFAAVLVHIDNLRWEGVPFILMSGKALDERVGYARILFKNQACCVQSEKHWAAAQSQCLPRQLVF
HIGHGDLGSPAVLVSRNLFRPSLPSSWKEMEGPPGLRLFGSPLSDYYAYSPVRERDAHSVLLSHIFHGRKNFFITTENLL
ASWNFWTPLLESLAHKAPRLYPGGAENGRLLDFEFSSGRLFFSQQQPEQLVPGPGPAPMPSDFQVLRAKYRESPLVSAWS
EELISKLANDIEATAVRAVRRFGQFHLALSGGSSPVALFQQLATAHYGFPWAHTHLWLVDERCVPLSDPESNFQGLQAHL
LQHVRIPYYNIHPMPVHLQQRLCAEEDQGAQIYAREISALVANSSFDLVLLGMGADGHTASLFPQSPTGLDGEQLVVLTT
SPSQPHRRMSLSLPLINRAKKVAVLVMGRMKREITTLVSRVGHEPKKWPISGVLPHSGQLVWYMDYDAFLG
;
_entity_poly.pdbx_strand_id   A,B
#
# COMPACT_ATOMS: atom_id res chain seq x y z
N GLN A 23 1.48 -13.39 53.43
CA GLN A 23 1.86 -13.41 54.84
C GLN A 23 3.25 -14.05 55.02
N GLY A 24 4.26 -13.21 55.21
CA GLY A 24 5.60 -13.71 55.41
C GLY A 24 6.67 -12.68 55.08
N HIS A 25 7.78 -12.74 55.82
CA HIS A 25 8.87 -11.80 55.60
C HIS A 25 9.62 -12.16 54.32
N VAL A 26 9.80 -11.18 53.45
CA VAL A 26 10.47 -11.34 52.18
C VAL A 26 11.70 -10.45 52.18
N SER A 27 12.86 -11.03 51.90
CA SER A 27 14.13 -10.31 51.94
C SER A 27 14.65 -10.12 50.53
N ILE A 28 14.97 -8.87 50.18
CA ILE A 28 15.51 -8.53 48.87
C ILE A 28 16.90 -7.95 49.07
N ILE A 29 17.89 -8.55 48.40
CA ILE A 29 19.29 -8.17 48.55
C ILE A 29 19.83 -7.80 47.17
N LEU A 30 20.49 -6.65 47.07
CA LEU A 30 21.08 -6.16 45.83
C LEU A 30 22.57 -6.38 45.89
N LEU A 31 23.05 -7.44 45.24
CA LEU A 31 24.43 -7.89 45.37
C LEU A 31 25.42 -7.06 44.59
N GLY A 32 24.97 -6.29 43.60
CA GLY A 32 25.89 -5.61 42.71
C GLY A 32 26.58 -4.42 43.34
N ALA A 33 27.72 -4.07 42.77
CA ALA A 33 28.42 -2.86 43.13
C ALA A 33 27.60 -1.65 42.73
N THR A 34 27.69 -0.58 43.53
CA THR A 34 26.86 0.59 43.35
C THR A 34 27.35 1.38 42.14
N GLY A 35 26.82 1.02 40.98
CA GLY A 35 27.17 1.67 39.73
C GLY A 35 26.26 2.84 39.41
N ASP A 36 26.25 3.21 38.13
CA ASP A 36 25.45 4.35 37.68
C ASP A 36 23.97 4.03 37.70
N LEU A 37 23.57 3.00 36.95
CA LEU A 37 22.16 2.61 36.89
C LEU A 37 21.67 2.04 38.21
N ALA A 38 22.59 1.53 39.04
CA ALA A 38 22.23 1.12 40.40
C ALA A 38 21.76 2.30 41.23
N LYS A 39 22.40 3.45 41.07
CA LYS A 39 21.93 4.66 41.74
C LYS A 39 20.70 5.24 41.06
N LYS A 40 20.60 5.12 39.73
CA LYS A 40 19.53 5.78 39.00
C LYS A 40 18.20 5.04 39.14
N TYR A 41 18.13 3.80 38.63
CA TYR A 41 16.85 3.13 38.46
C TYR A 41 16.47 2.24 39.63
N LEU A 42 17.42 1.40 40.09
CA LEU A 42 17.05 0.23 40.87
C LEU A 42 16.59 0.58 42.27
N TRP A 43 17.25 1.55 42.93
CA TRP A 43 16.87 1.90 44.30
C TRP A 43 15.48 2.53 44.36
N GLN A 44 15.16 3.39 43.39
CA GLN A 44 13.79 3.87 43.24
C GLN A 44 12.84 2.72 42.90
N GLY A 45 13.33 1.71 42.18
CA GLY A 45 12.50 0.56 41.88
C GLY A 45 12.12 -0.23 43.12
N LEU A 46 13.08 -0.51 43.98
CA LEU A 46 12.79 -1.28 45.17
C LEU A 46 11.84 -0.49 46.04
N PHE A 47 12.08 0.80 46.08
CA PHE A 47 11.25 1.65 46.90
C PHE A 47 9.82 1.53 46.42
N GLN A 48 9.63 1.77 45.13
CA GLN A 48 8.27 1.70 44.60
C GLN A 48 7.67 0.34 44.91
N LEU A 49 8.50 -0.71 44.85
CA LEU A 49 8.07 -2.07 45.20
C LEU A 49 7.62 -2.15 46.66
N TYR A 50 8.35 -1.49 47.56
CA TYR A 50 7.88 -1.39 48.94
C TYR A 50 6.59 -0.59 49.04
N LEU A 51 6.45 0.43 48.21
CA LEU A 51 5.28 1.31 48.31
C LEU A 51 4.00 0.64 47.86
N ASP A 52 4.06 -0.30 46.89
CA ASP A 52 2.82 -0.96 46.50
C ASP A 52 2.33 -1.94 47.57
N GLU A 53 3.21 -2.79 48.08
CA GLU A 53 2.79 -3.96 48.85
C GLU A 53 2.95 -3.77 50.35
N ALA A 54 3.07 -2.53 50.81
CA ALA A 54 3.22 -2.27 52.24
C ALA A 54 1.90 -2.49 52.96
N GLY A 55 1.99 -3.03 54.18
CA GLY A 55 0.82 -3.28 55.00
C GLY A 55 -0.12 -4.35 54.47
N ARG A 56 0.42 -5.47 53.99
CA ARG A 56 -0.38 -6.60 53.53
C ARG A 56 0.13 -7.91 54.12
N GLY A 57 0.69 -7.85 55.32
CA GLY A 57 1.23 -9.03 55.95
C GLY A 57 2.62 -9.44 55.48
N HIS A 58 3.23 -8.66 54.60
CA HIS A 58 4.55 -8.95 54.07
C HIS A 58 5.57 -8.04 54.75
N SER A 59 6.47 -8.63 55.52
CA SER A 59 7.60 -7.89 56.06
C SER A 59 8.69 -7.79 55.00
N PHE A 60 9.69 -6.96 55.28
CA PHE A 60 10.66 -6.61 54.24
C PHE A 60 12.03 -6.34 54.87
N SER A 61 13.07 -6.51 54.04
CA SER A 61 14.44 -6.23 54.46
C SER A 61 15.26 -5.97 53.20
N PHE A 62 15.79 -4.76 53.07
CA PHE A 62 16.41 -4.31 51.82
C PHE A 62 17.91 -4.21 52.07
N HIS A 63 18.60 -5.32 51.89
CA HIS A 63 20.01 -5.41 52.26
C HIS A 63 20.84 -4.85 51.11
N GLY A 64 21.36 -3.64 51.31
CA GLY A 64 22.33 -3.10 50.38
C GLY A 64 23.64 -3.87 50.50
N ALA A 65 24.18 -4.29 49.36
CA ALA A 65 25.33 -5.17 49.37
C ALA A 65 26.30 -4.75 48.28
N ALA A 66 27.59 -4.69 48.64
CA ALA A 66 28.66 -4.30 47.72
C ALA A 66 29.97 -4.74 48.35
N LEU A 67 31.08 -4.31 47.74
CA LEU A 67 32.41 -4.58 48.27
C LEU A 67 33.01 -3.39 49.00
N THR A 68 32.24 -2.31 49.17
CA THR A 68 32.74 -1.11 49.85
C THR A 68 32.66 -1.28 51.36
N ALA A 69 33.19 -0.28 52.07
CA ALA A 69 33.25 -0.28 53.52
C ALA A 69 31.84 -0.25 54.12
N PRO A 70 31.64 -0.86 55.30
CA PRO A 70 30.29 -0.90 55.89
C PRO A 70 29.75 0.46 56.31
N LYS A 71 30.55 1.30 56.96
CA LYS A 71 30.09 2.62 57.36
C LYS A 71 29.94 3.54 56.15
N GLN A 72 30.92 3.50 55.23
CA GLN A 72 30.82 4.27 54.00
C GLN A 72 29.69 3.77 53.12
N GLY A 73 29.48 2.45 53.07
CA GLY A 73 28.35 1.91 52.33
C GLY A 73 27.02 2.31 52.94
N GLN A 74 26.95 2.37 54.28
CA GLN A 74 25.75 2.85 54.94
C GLN A 74 25.47 4.32 54.63
N GLU A 75 26.52 5.14 54.60
CA GLU A 75 26.35 6.56 54.29
C GLU A 75 25.93 6.77 52.85
N LEU A 76 26.59 6.08 51.89
CA LEU A 76 26.23 6.17 50.48
C LEU A 76 24.82 5.65 50.22
N MET A 77 24.47 4.55 50.88
CA MET A 77 23.16 3.95 50.67
C MET A 77 22.07 4.78 51.34
N ALA A 78 22.40 5.48 52.43
CA ALA A 78 21.44 6.41 53.03
C ALA A 78 21.25 7.65 52.18
N LYS A 79 22.32 8.09 51.49
CA LYS A 79 22.19 9.15 50.50
C LYS A 79 21.29 8.70 49.34
N ALA A 80 21.42 7.43 48.95
CA ALA A 80 20.53 6.87 47.92
C ALA A 80 19.08 6.83 48.41
N LEU A 81 18.86 6.48 49.69
CA LEU A 81 17.50 6.48 50.23
C LEU A 81 16.93 7.89 50.33
N GLU A 82 17.78 8.89 50.58
CA GLU A 82 17.29 10.26 50.58
C GLU A 82 17.09 10.81 49.17
N SER A 83 17.70 10.19 48.16
CA SER A 83 17.48 10.64 46.79
C SER A 83 16.15 10.18 46.21
N LEU A 84 15.45 9.26 46.86
CA LEU A 84 14.18 8.76 46.32
C LEU A 84 13.07 9.78 46.49
N SER A 85 12.08 9.69 45.61
CA SER A 85 10.94 10.61 45.61
C SER A 85 9.65 9.82 45.63
N CYS A 86 8.75 10.19 46.55
CA CYS A 86 7.43 9.60 46.58
C CYS A 86 6.60 10.09 45.38
N PRO A 87 5.63 9.30 44.92
CA PRO A 87 4.75 9.77 43.85
C PRO A 87 3.86 10.92 44.31
N LYS A 88 3.53 11.79 43.36
CA LYS A 88 2.71 12.96 43.64
C LYS A 88 1.25 12.56 43.85
N ALA A 91 0.30 13.29 49.75
CA ALA A 91 0.20 13.66 51.16
C ALA A 91 1.57 13.62 51.84
N PRO A 92 1.88 14.65 52.63
CA PRO A 92 3.15 14.64 53.37
C PRO A 92 3.24 13.56 54.43
N SER A 93 2.10 13.13 54.98
CA SER A 93 2.10 12.04 55.96
C SER A 93 2.51 10.72 55.30
N HIS A 94 2.05 10.48 54.07
CA HIS A 94 2.45 9.31 53.29
C HIS A 94 3.96 9.28 53.08
N CYS A 95 4.52 10.40 52.63
CA CYS A 95 5.95 10.49 52.37
C CYS A 95 6.76 10.33 53.64
N ALA A 96 6.31 10.96 54.73
CA ALA A 96 7.04 10.90 56.00
C ALA A 96 7.04 9.50 56.59
N GLU A 97 5.85 8.86 56.67
CA GLU A 97 5.76 7.52 57.26
C GLU A 97 6.48 6.49 56.41
N HIS A 98 6.32 6.53 55.09
CA HIS A 98 6.95 5.51 54.26
C HIS A 98 8.44 5.74 54.09
N LYS A 99 8.91 6.99 54.07
CA LYS A 99 10.35 7.24 54.07
C LYS A 99 10.99 6.86 55.40
N ASP A 100 10.29 7.06 56.53
CA ASP A 100 10.81 6.64 57.82
C ASP A 100 10.89 5.12 57.91
N GLN A 101 9.86 4.42 57.44
CA GLN A 101 9.91 2.96 57.45
C GLN A 101 10.94 2.42 56.48
N PHE A 102 11.14 3.08 55.35
CA PHE A 102 12.16 2.65 54.40
C PHE A 102 13.57 2.91 54.92
N LEU A 103 13.76 3.98 55.69
CA LEU A 103 15.05 4.19 56.35
C LEU A 103 15.28 3.18 57.45
N GLN A 104 14.19 2.76 58.13
CA GLN A 104 14.32 1.80 59.22
C GLN A 104 14.66 0.41 58.70
N LEU A 105 13.98 -0.02 57.64
CA LEU A 105 14.10 -1.41 57.19
C LEU A 105 15.40 -1.69 56.46
N SER A 106 15.89 -0.75 55.66
CA SER A 106 17.04 -0.98 54.80
C SER A 106 18.34 -0.86 55.57
N GLN A 107 19.31 -1.71 55.20
CA GLN A 107 20.55 -1.82 55.96
C GLN A 107 21.66 -2.36 55.06
N TYR A 108 22.82 -1.70 55.10
CA TYR A 108 23.99 -2.15 54.34
C TYR A 108 24.82 -3.14 55.16
N ARG A 109 25.52 -4.03 54.45
CA ARG A 109 26.46 -4.93 55.08
C ARG A 109 27.62 -5.21 54.12
N GLN A 110 28.78 -5.53 54.68
CA GLN A 110 29.96 -5.85 53.89
C GLN A 110 29.83 -7.22 53.26
N LEU A 111 30.29 -7.35 51.99
CA LEU A 111 30.28 -8.61 51.27
C LEU A 111 31.67 -8.98 50.74
N LYS A 112 32.72 -8.62 51.48
CA LYS A 112 34.07 -8.83 50.96
C LYS A 112 34.50 -10.29 51.02
N THR A 113 34.19 -10.98 52.11
CA THR A 113 34.69 -12.33 52.36
C THR A 113 33.56 -13.34 52.40
N ALA A 114 33.94 -14.62 52.47
CA ALA A 114 32.99 -15.71 52.39
C ALA A 114 32.17 -15.88 53.67
N GLU A 115 32.78 -15.67 54.83
CA GLU A 115 32.03 -15.80 56.08
C GLU A 115 31.10 -14.63 56.34
N ASP A 116 31.27 -13.53 55.61
CA ASP A 116 30.30 -12.45 55.67
C ASP A 116 28.98 -12.84 55.01
N TYR A 117 28.98 -13.88 54.15
CA TYR A 117 27.73 -14.39 53.61
C TYR A 117 26.89 -15.08 54.69
N GLN A 118 27.51 -15.91 55.54
CA GLN A 118 26.73 -16.45 56.64
C GLN A 118 26.51 -15.42 57.75
N ALA A 119 27.31 -14.35 57.79
CA ALA A 119 26.93 -13.20 58.61
C ALA A 119 25.65 -12.55 58.07
N LEU A 120 25.49 -12.50 56.75
CA LEU A 120 24.24 -12.05 56.16
C LEU A 120 23.09 -13.01 56.49
N ASN A 121 23.39 -14.31 56.53
CA ASN A 121 22.40 -15.29 56.95
C ASN A 121 21.94 -15.04 58.39
N LYS A 122 22.90 -14.74 59.27
CA LYS A 122 22.58 -14.37 60.65
C LYS A 122 21.75 -13.09 60.70
N ASP A 123 22.08 -12.12 59.84
CA ASP A 123 21.32 -10.88 59.77
C ASP A 123 19.89 -11.13 59.28
N ILE A 124 19.72 -12.03 58.32
CA ILE A 124 18.40 -12.31 57.77
C ILE A 124 17.53 -13.04 58.79
N GLU A 125 18.09 -14.03 59.50
CA GLU A 125 17.30 -14.68 60.54
C GLU A 125 17.06 -13.78 61.73
N ALA A 126 17.98 -12.83 62.01
CA ALA A 126 17.75 -11.85 63.06
C ALA A 126 16.60 -10.91 62.67
N GLN A 127 16.56 -10.46 61.42
CA GLN A 127 15.46 -9.62 60.98
C GLN A 127 14.15 -10.40 60.89
N LEU A 128 14.24 -11.71 60.68
CA LEU A 128 13.06 -12.57 60.80
C LEU A 128 12.57 -12.64 62.24
N GLN A 129 13.51 -12.66 63.19
CA GLN A 129 13.14 -12.66 64.61
C GLN A 129 12.53 -11.32 65.02
N HIS A 130 13.05 -10.22 64.47
CA HIS A 130 12.40 -8.92 64.65
C HIS A 130 11.01 -8.88 64.03
N ALA A 131 10.85 -9.48 62.84
CA ALA A 131 9.54 -9.54 62.21
C ALA A 131 8.63 -10.53 62.94
N GLY A 132 9.22 -11.57 63.54
CA GLY A 132 8.45 -12.55 64.27
C GLY A 132 7.54 -13.40 63.42
N LEU A 133 7.90 -13.63 62.17
CA LEU A 133 7.05 -14.38 61.25
C LEU A 133 7.85 -15.44 60.51
N ARG A 134 7.24 -16.07 59.51
CA ARG A 134 7.86 -17.14 58.75
C ARG A 134 8.45 -16.59 57.46
N GLU A 135 9.63 -17.09 57.10
CA GLU A 135 10.33 -16.63 55.90
C GLU A 135 9.56 -17.04 54.65
N ALA A 136 9.47 -16.12 53.68
CA ALA A 136 8.77 -16.40 52.45
C ALA A 136 9.68 -16.48 51.23
N GLY A 137 10.83 -15.82 51.24
CA GLY A 137 11.69 -15.86 50.07
C GLY A 137 12.95 -15.05 50.27
N ARG A 138 13.78 -15.06 49.24
CA ARG A 138 15.10 -14.40 49.27
C ARG A 138 15.47 -14.03 47.84
N ILE A 139 15.27 -12.77 47.48
CA ILE A 139 15.61 -12.28 46.15
C ILE A 139 17.04 -11.76 46.17
N PHE A 140 17.85 -12.25 45.23
CA PHE A 140 19.26 -11.90 45.14
C PHE A 140 19.51 -11.23 43.80
N TYR A 141 19.33 -9.91 43.76
CA TYR A 141 19.57 -9.15 42.54
C TYR A 141 21.06 -9.05 42.25
N PHE A 142 21.44 -9.35 41.01
CA PHE A 142 22.84 -9.27 40.57
C PHE A 142 23.02 -8.02 39.72
N SER A 143 24.07 -7.26 40.02
CA SER A 143 24.45 -6.14 39.17
C SER A 143 25.96 -6.02 39.02
N VAL A 144 26.68 -7.10 39.31
CA VAL A 144 28.14 -7.10 39.34
C VAL A 144 28.66 -7.07 37.89
N PRO A 145 29.83 -6.49 37.64
CA PRO A 145 30.46 -6.64 36.34
C PRO A 145 30.84 -8.08 36.07
N PRO A 146 30.93 -8.49 34.80
CA PRO A 146 31.04 -9.92 34.49
C PRO A 146 32.42 -10.53 34.64
N PHE A 147 33.34 -9.91 35.38
CA PHE A 147 34.66 -10.50 35.56
C PHE A 147 34.61 -11.79 36.38
N ALA A 148 33.63 -11.92 37.27
CA ALA A 148 33.47 -13.12 38.08
C ALA A 148 31.99 -13.34 38.36
N TYR A 149 31.57 -14.59 38.28
CA TYR A 149 30.17 -14.93 38.54
C TYR A 149 30.05 -16.13 39.46
N GLU A 150 31.06 -16.99 39.45
CA GLU A 150 30.97 -18.26 40.15
C GLU A 150 31.24 -18.14 41.65
N ASP A 151 32.01 -17.15 42.08
CA ASP A 151 32.38 -17.05 43.48
C ASP A 151 31.22 -16.57 44.34
N ILE A 152 30.51 -15.54 43.87
CA ILE A 152 29.36 -15.00 44.60
C ILE A 152 28.24 -16.03 44.66
N ALA A 153 27.95 -16.68 43.54
CA ALA A 153 26.89 -17.69 43.49
C ALA A 153 27.26 -18.92 44.30
N ARG A 154 28.53 -19.32 44.31
CA ARG A 154 28.92 -20.48 45.13
C ARG A 154 28.90 -20.13 46.61
N ASN A 155 29.13 -18.86 46.97
CA ASN A 155 28.97 -18.49 48.37
C ASN A 155 27.50 -18.43 48.78
N ILE A 156 26.63 -18.04 47.85
CA ILE A 156 25.18 -18.10 48.09
C ILE A 156 24.74 -19.54 48.31
N ASN A 157 25.22 -20.45 47.45
CA ASN A 157 24.91 -21.87 47.60
C ASN A 157 25.52 -22.46 48.86
N SER A 158 26.66 -21.92 49.30
CA SER A 158 27.29 -22.39 50.53
C SER A 158 26.49 -21.99 51.75
N SER A 159 26.07 -20.73 51.84
CA SER A 159 25.43 -20.30 53.08
C SER A 159 24.07 -19.64 52.89
N CYS A 160 23.90 -18.85 51.82
CA CYS A 160 22.73 -17.97 51.71
C CYS A 160 21.49 -18.65 51.16
N ARG A 161 21.41 -19.97 51.23
CA ARG A 161 20.18 -20.67 50.88
C ARG A 161 19.10 -20.41 51.94
N PRO A 162 17.82 -20.35 51.53
CA PRO A 162 16.77 -20.07 52.50
C PRO A 162 16.40 -21.25 53.37
N GLY A 163 15.35 -21.08 54.18
CA GLY A 163 14.97 -22.09 55.15
C GLY A 163 13.84 -22.99 54.70
N PRO A 164 12.77 -23.06 55.51
CA PRO A 164 11.69 -24.05 55.30
C PRO A 164 10.77 -23.75 54.12
N GLY A 165 11.20 -24.16 52.93
CA GLY A 165 10.37 -24.04 51.75
C GLY A 165 10.28 -22.65 51.16
N ALA A 166 11.11 -21.71 51.60
CA ALA A 166 11.15 -20.40 50.98
C ALA A 166 11.82 -20.48 49.62
N TRP A 167 11.32 -19.70 48.67
CA TRP A 167 11.91 -19.69 47.35
C TRP A 167 13.15 -18.79 47.32
N LEU A 168 13.94 -18.94 46.26
CA LEU A 168 15.16 -18.15 46.08
C LEU A 168 15.16 -17.66 44.62
N ARG A 169 14.56 -16.50 44.39
CA ARG A 169 14.41 -15.95 43.05
C ARG A 169 15.56 -14.98 42.79
N VAL A 170 16.60 -15.46 42.12
CA VAL A 170 17.73 -14.61 41.76
C VAL A 170 17.46 -13.97 40.41
N VAL A 171 18.09 -12.82 40.16
CA VAL A 171 17.92 -12.05 38.94
C VAL A 171 19.28 -11.71 38.37
N LEU A 172 19.51 -12.04 37.09
CA LEU A 172 20.74 -11.74 36.40
C LEU A 172 20.55 -10.54 35.48
N GLU A 173 21.66 -9.93 35.07
CA GLU A 173 21.62 -8.70 34.29
C GLU A 173 21.54 -9.02 32.80
N LYS A 174 21.72 -8.01 31.97
CA LYS A 174 21.51 -8.07 30.52
C LYS A 174 22.65 -8.71 29.70
N PRO A 175 23.98 -8.42 29.91
CA PRO A 175 24.99 -9.05 29.03
C PRO A 175 25.13 -10.55 29.23
N PHE A 176 24.68 -11.33 28.24
CA PHE A 176 24.67 -12.79 28.33
C PHE A 176 25.74 -13.46 27.48
N GLY A 177 26.26 -12.81 26.45
CA GLY A 177 27.29 -13.41 25.64
C GLY A 177 27.38 -12.75 24.29
N HIS A 178 28.28 -13.31 23.46
CA HIS A 178 28.48 -12.80 22.11
C HIS A 178 28.11 -13.80 21.02
N ASP A 179 27.97 -15.07 21.35
CA ASP A 179 27.50 -16.08 20.41
C ASP A 179 26.58 -17.03 21.15
N HIS A 180 26.20 -18.13 20.49
CA HIS A 180 25.40 -19.15 21.16
C HIS A 180 26.26 -19.97 22.12
N PHE A 181 27.55 -20.10 21.82
CA PHE A 181 28.45 -20.94 22.61
C PHE A 181 28.68 -20.37 24.00
N SER A 182 28.98 -19.07 24.08
CA SER A 182 29.22 -18.43 25.37
C SER A 182 27.93 -18.33 26.17
N ALA A 183 26.81 -18.11 25.49
CA ALA A 183 25.51 -18.07 26.18
C ALA A 183 25.15 -19.41 26.78
N GLN A 184 25.38 -20.50 26.04
CA GLN A 184 25.14 -21.84 26.57
C GLN A 184 26.09 -22.17 27.72
N GLN A 185 27.36 -21.78 27.59
CA GLN A 185 28.35 -22.05 28.62
C GLN A 185 28.00 -21.34 29.93
N LEU A 186 27.61 -20.06 29.84
CA LEU A 186 27.21 -19.33 31.03
C LEU A 186 25.89 -19.84 31.59
N ALA A 187 24.98 -20.30 30.72
CA ALA A 187 23.70 -20.84 31.18
C ALA A 187 23.89 -22.11 31.99
N THR A 188 24.75 -23.04 31.52
CA THR A 188 25.02 -24.23 32.31
C THR A 188 25.83 -23.92 33.57
N GLU A 189 26.81 -23.01 33.47
CA GLU A 189 27.63 -22.69 34.62
C GLU A 189 26.85 -21.99 35.73
N LEU A 190 25.79 -21.27 35.37
CA LEU A 190 24.95 -20.66 36.38
C LEU A 190 23.75 -21.52 36.77
N GLY A 191 23.33 -22.46 35.92
CA GLY A 191 22.29 -23.39 36.29
C GLY A 191 22.78 -24.59 37.08
N THR A 192 24.09 -24.76 37.20
CA THR A 192 24.61 -25.69 38.19
C THR A 192 24.24 -25.27 39.60
N PHE A 193 24.39 -23.97 39.90
CA PHE A 193 24.14 -23.50 41.27
C PHE A 193 22.67 -23.39 41.60
N PHE A 194 21.85 -22.91 40.65
CA PHE A 194 20.43 -22.66 40.92
C PHE A 194 19.58 -23.35 39.86
N GLN A 195 18.34 -23.64 40.24
CA GLN A 195 17.36 -24.16 39.29
C GLN A 195 16.99 -23.09 38.28
N GLU A 196 16.58 -23.53 37.10
CA GLU A 196 16.10 -22.59 36.09
C GLU A 196 14.71 -22.04 36.41
N GLU A 197 13.92 -22.76 37.21
CA GLU A 197 12.63 -22.23 37.63
C GLU A 197 12.79 -21.10 38.64
N GLU A 198 13.85 -21.14 39.44
CA GLU A 198 14.09 -20.08 40.40
C GLU A 198 14.59 -18.81 39.75
N MET A 199 15.31 -18.93 38.62
CA MET A 199 15.98 -17.79 38.02
C MET A 199 14.98 -16.86 37.33
N TYR A 200 15.36 -15.57 37.26
CA TYR A 200 14.54 -14.56 36.60
C TYR A 200 15.48 -13.70 35.75
N ARG A 201 15.61 -14.05 34.47
CA ARG A 201 16.39 -13.24 33.55
C ARG A 201 15.55 -12.07 33.06
N VAL A 202 15.98 -10.86 33.37
CA VAL A 202 15.15 -9.68 33.19
C VAL A 202 15.33 -9.13 31.78
N ASP A 203 14.21 -8.76 31.16
CA ASP A 203 14.20 -8.01 29.90
C ASP A 203 13.60 -6.65 30.19
N HIS A 204 14.35 -5.59 29.86
CA HIS A 204 13.87 -4.24 30.08
C HIS A 204 12.64 -3.95 29.22
N TYR A 205 12.67 -4.42 27.98
CA TYR A 205 11.65 -4.07 27.01
C TYR A 205 10.34 -4.80 27.26
N LEU A 206 10.37 -5.89 28.02
CA LEU A 206 9.14 -6.59 28.39
C LEU A 206 8.39 -5.90 29.51
N GLY A 207 9.03 -4.96 30.22
CA GLY A 207 8.36 -4.16 31.22
C GLY A 207 7.71 -2.90 30.71
N LYS A 208 7.94 -2.54 29.44
CA LYS A 208 7.32 -1.37 28.86
C LYS A 208 5.82 -1.58 28.73
N GLN A 209 5.06 -0.51 28.95
CA GLN A 209 3.61 -0.64 29.11
C GLN A 209 2.89 -0.95 27.81
N ALA A 210 3.49 -0.65 26.66
CA ALA A 210 2.85 -0.96 25.38
C ALA A 210 3.21 -2.37 24.91
N VAL A 211 4.44 -2.81 25.21
CA VAL A 211 4.83 -4.19 24.91
C VAL A 211 4.01 -5.16 25.74
N ALA A 212 3.79 -4.84 27.01
CA ALA A 212 3.02 -5.69 27.90
C ALA A 212 1.52 -5.68 27.60
N GLN A 213 1.05 -4.81 26.71
CA GLN A 213 -0.35 -4.79 26.30
C GLN A 213 -0.59 -5.44 24.95
N ILE A 214 0.46 -6.01 24.33
CA ILE A 214 0.30 -6.64 23.03
C ILE A 214 -0.55 -7.91 23.14
N LEU A 215 -0.11 -8.86 23.96
CA LEU A 215 -0.87 -10.08 24.18
C LEU A 215 -2.22 -9.88 24.86
N PRO A 216 -2.40 -9.05 25.91
CA PRO A 216 -3.78 -8.78 26.35
C PRO A 216 -4.63 -8.07 25.31
N PHE A 217 -4.02 -7.19 24.50
CA PHE A 217 -4.75 -6.53 23.44
C PHE A 217 -5.26 -7.52 22.41
N ARG A 218 -4.44 -8.51 22.06
CA ARG A 218 -4.90 -9.59 21.22
C ARG A 218 -5.86 -10.53 21.96
N ASP A 219 -5.83 -10.55 23.29
CA ASP A 219 -6.72 -11.43 24.04
C ASP A 219 -8.15 -10.91 24.01
N GLN A 220 -8.40 -9.69 24.50
CA GLN A 220 -9.80 -9.26 24.43
C GLN A 220 -10.17 -8.62 23.10
N ASN A 221 -9.31 -8.67 22.09
CA ASN A 221 -9.70 -8.31 20.73
C ASN A 221 -9.27 -9.38 19.74
N ARG A 222 -9.52 -10.64 20.08
CA ARG A 222 -9.32 -11.74 19.14
C ARG A 222 -10.50 -11.96 18.23
N LYS A 223 -11.65 -11.34 18.51
CA LYS A 223 -12.84 -11.59 17.71
C LYS A 223 -12.76 -10.86 16.38
N ALA A 224 -12.05 -9.74 16.34
CA ALA A 224 -11.97 -8.90 15.16
C ALA A 224 -10.56 -8.68 14.68
N LEU A 225 -9.60 -9.49 15.12
CA LEU A 225 -8.24 -9.33 14.65
C LEU A 225 -7.63 -10.68 14.23
N ASP A 226 -8.12 -11.78 14.83
CA ASP A 226 -7.62 -13.11 14.46
C ASP A 226 -8.05 -13.49 13.06
N GLY A 227 -9.13 -12.90 12.55
CA GLY A 227 -9.45 -13.03 11.15
C GLY A 227 -8.64 -12.14 10.23
N LEU A 228 -7.70 -11.36 10.79
CA LEU A 228 -6.91 -10.44 10.00
C LEU A 228 -5.40 -10.60 10.17
N TRP A 229 -4.94 -11.50 11.06
CA TRP A 229 -3.51 -11.67 11.27
C TRP A 229 -2.81 -12.42 10.14
N ASN A 230 -3.54 -12.89 9.14
CA ASN A 230 -3.04 -13.88 8.20
C ASN A 230 -2.06 -13.23 7.21
N ARG A 231 -1.47 -14.08 6.38
CA ARG A 231 -0.61 -13.61 5.30
C ARG A 231 -1.39 -12.84 4.24
N HIS A 232 -2.64 -13.24 3.99
CA HIS A 232 -3.47 -12.61 2.97
C HIS A 232 -4.19 -11.36 3.47
N HIS A 233 -3.79 -10.81 4.62
CA HIS A 233 -4.42 -9.61 5.15
C HIS A 233 -3.44 -8.59 5.69
N VAL A 234 -2.13 -8.86 5.70
CA VAL A 234 -1.15 -7.98 6.31
C VAL A 234 -0.05 -7.68 5.30
N GLU A 235 0.22 -6.38 5.08
CA GLU A 235 1.22 -6.00 4.10
C GLU A 235 2.63 -6.14 4.65
N ARG A 236 2.92 -5.51 5.78
CA ARG A 236 4.27 -5.56 6.33
C ARG A 236 4.23 -5.36 7.84
N VAL A 237 5.37 -5.60 8.49
CA VAL A 237 5.50 -5.43 9.92
C VAL A 237 6.84 -4.75 10.17
N GLU A 238 6.85 -3.66 10.94
CA GLU A 238 8.08 -2.96 11.26
C GLU A 238 8.20 -2.75 12.76
N ILE A 239 9.35 -3.13 13.30
CA ILE A 239 9.67 -3.01 14.72
C ILE A 239 10.81 -2.02 14.85
N ILE A 240 10.52 -0.82 15.33
CA ILE A 240 11.38 0.35 15.12
C ILE A 240 11.79 0.91 16.48
N MET A 241 13.09 1.18 16.64
CA MET A 241 13.61 1.92 17.79
C MET A 241 14.69 2.89 17.31
N LYS A 242 14.32 4.16 17.16
CA LYS A 242 15.22 5.22 16.73
C LYS A 242 15.74 6.00 17.93
N GLU A 243 17.01 6.42 17.85
CA GLU A 243 17.63 7.14 18.94
C GLU A 243 18.51 8.26 18.39
N THR A 244 18.47 9.43 19.05
CA THR A 244 19.35 10.54 18.71
C THR A 244 20.62 10.57 19.54
N VAL A 245 20.57 10.11 20.78
CA VAL A 245 21.75 10.10 21.63
C VAL A 245 22.69 9.00 21.18
N ASP A 246 23.94 9.37 20.90
CA ASP A 246 24.93 8.42 20.42
C ASP A 246 25.55 7.69 21.61
N ALA A 247 26.67 7.01 21.37
CA ALA A 247 27.37 6.27 22.43
C ALA A 247 28.17 7.26 23.28
N GLU A 248 27.47 8.00 24.12
CA GLU A 248 28.09 8.94 25.06
C GLU A 248 28.00 8.35 26.46
N GLY A 249 29.15 8.30 27.15
CA GLY A 249 29.23 7.67 28.46
C GLY A 249 29.09 6.17 28.47
N ARG A 250 29.01 5.53 27.30
CA ARG A 250 28.70 4.13 27.17
C ARG A 250 29.50 3.48 26.05
N THR A 251 30.69 4.01 25.78
CA THR A 251 31.46 3.54 24.62
C THR A 251 32.05 2.16 24.87
N SER A 252 32.63 1.95 26.04
CA SER A 252 33.31 0.69 26.36
C SER A 252 32.36 -0.50 26.41
N PHE A 253 31.06 -0.27 26.63
CA PHE A 253 30.07 -1.32 26.53
C PHE A 253 29.74 -1.66 25.08
N TYR A 254 30.09 -0.78 24.13
CA TYR A 254 29.55 -0.86 22.78
C TYR A 254 30.50 -1.45 21.74
N GLU A 255 31.81 -1.38 21.92
CA GLU A 255 32.70 -1.83 20.85
C GLU A 255 32.75 -3.35 20.74
N GLU A 256 32.39 -4.07 21.80
CA GLU A 256 32.36 -5.52 21.75
C GLU A 256 30.98 -6.08 21.46
N TYR A 257 29.93 -5.27 21.61
CA TYR A 257 28.57 -5.78 21.67
C TYR A 257 27.82 -5.54 20.37
N GLY A 258 27.78 -4.31 19.90
CA GLY A 258 27.17 -4.02 18.62
C GLY A 258 25.65 -3.96 18.69
N VAL A 259 25.08 -3.20 17.75
CA VAL A 259 23.65 -2.88 17.79
C VAL A 259 22.77 -4.09 17.52
N ILE A 260 23.31 -5.14 16.88
CA ILE A 260 22.52 -6.35 16.67
C ILE A 260 22.30 -7.06 18.00
N ARG A 261 23.34 -7.20 18.80
CA ARG A 261 23.22 -7.84 20.10
C ARG A 261 22.67 -6.90 21.16
N ASP A 262 22.68 -5.59 20.92
CA ASP A 262 22.29 -4.63 21.94
C ASP A 262 20.79 -4.49 22.05
N VAL A 263 20.10 -4.34 20.92
CA VAL A 263 18.66 -4.06 20.91
C VAL A 263 17.88 -5.09 20.09
N LEU A 264 18.41 -5.51 18.94
CA LEU A 264 17.69 -6.45 18.08
C LEU A 264 17.56 -7.83 18.72
N GLN A 265 18.60 -8.29 19.40
CA GLN A 265 18.57 -9.65 19.96
C GLN A 265 17.67 -9.73 21.20
N ASN A 266 17.75 -8.74 22.09
CA ASN A 266 17.12 -8.85 23.40
C ASN A 266 15.88 -7.99 23.57
N HIS A 267 15.68 -6.99 22.72
CA HIS A 267 14.46 -6.20 22.78
C HIS A 267 13.56 -6.45 21.57
N LEU A 268 14.11 -6.33 20.36
CA LEU A 268 13.30 -6.40 19.16
C LEU A 268 12.85 -7.81 18.82
N THR A 269 13.67 -8.82 19.13
CA THR A 269 13.28 -10.20 18.89
C THR A 269 12.15 -10.64 19.80
N GLU A 270 12.11 -10.15 21.04
CA GLU A 270 11.03 -10.54 21.94
C GLU A 270 9.70 -9.90 21.60
N VAL A 271 9.70 -8.62 21.17
CA VAL A 271 8.43 -8.06 20.72
C VAL A 271 8.05 -8.67 19.37
N LEU A 272 9.04 -9.04 18.54
CA LEU A 272 8.80 -9.75 17.29
C LEU A 272 8.14 -11.11 17.53
N THR A 273 8.60 -11.84 18.53
CA THR A 273 7.97 -13.10 18.91
C THR A 273 6.74 -12.91 19.78
N LEU A 274 6.44 -11.66 20.17
CA LEU A 274 5.17 -11.38 20.82
C LEU A 274 4.07 -11.06 19.82
N VAL A 275 4.40 -10.41 18.70
CA VAL A 275 3.35 -10.06 17.74
C VAL A 275 3.00 -11.27 16.87
N ALA A 276 3.98 -12.05 16.47
CA ALA A 276 3.79 -13.16 15.54
C ALA A 276 3.59 -14.49 16.23
N MET A 277 2.95 -14.51 17.40
CA MET A 277 2.80 -15.72 18.19
C MET A 277 1.34 -16.15 18.22
N GLU A 278 1.12 -17.45 18.06
CA GLU A 278 -0.21 -18.01 18.25
C GLU A 278 -0.62 -17.87 19.71
N LEU A 279 -1.73 -17.20 19.95
CA LEU A 279 -2.15 -16.97 21.32
C LEU A 279 -2.75 -18.25 21.91
N PRO A 280 -2.38 -18.61 23.14
CA PRO A 280 -3.03 -19.74 23.80
C PRO A 280 -4.42 -19.36 24.28
N HIS A 281 -5.15 -20.36 24.76
CA HIS A 281 -6.49 -20.11 25.26
C HIS A 281 -6.48 -19.42 26.62
N ASN A 282 -5.36 -19.46 27.34
CA ASN A 282 -5.18 -18.71 28.57
C ASN A 282 -3.86 -17.97 28.46
N VAL A 283 -3.91 -16.66 28.19
CA VAL A 283 -2.69 -15.87 28.13
C VAL A 283 -2.13 -15.67 29.54
N SER A 284 -3.00 -15.72 30.56
CA SER A 284 -2.57 -15.65 31.94
C SER A 284 -1.79 -16.88 32.40
N SER A 285 -1.86 -17.98 31.65
CA SER A 285 -1.00 -19.12 31.91
C SER A 285 0.47 -18.76 31.64
N ALA A 286 1.36 -19.37 32.41
CA ALA A 286 2.77 -19.05 32.28
C ALA A 286 3.41 -19.80 31.12
N GLU A 287 3.41 -21.14 31.19
CA GLU A 287 4.26 -21.95 30.32
C GLU A 287 3.75 -21.99 28.88
N ALA A 288 2.46 -21.71 28.67
CA ALA A 288 1.90 -21.72 27.32
C ALA A 288 2.49 -20.61 26.47
N VAL A 289 2.78 -19.46 27.08
CA VAL A 289 3.37 -18.33 26.36
C VAL A 289 4.78 -18.67 25.90
N LEU A 290 5.59 -19.27 26.78
CA LEU A 290 6.95 -19.62 26.39
C LEU A 290 7.00 -20.77 25.40
N ARG A 291 6.06 -21.72 25.50
CA ARG A 291 6.05 -22.80 24.52
C ARG A 291 5.57 -22.31 23.15
N HIS A 292 4.64 -21.34 23.11
CA HIS A 292 4.22 -20.80 21.82
C HIS A 292 5.28 -19.89 21.21
N LYS A 293 6.03 -19.16 22.04
CA LYS A 293 7.08 -18.33 21.48
C LYS A 293 8.29 -19.17 21.07
N LEU A 294 8.49 -20.33 21.72
CA LEU A 294 9.44 -21.31 21.19
C LEU A 294 8.97 -21.91 19.88
N GLN A 295 7.65 -22.10 19.72
CA GLN A 295 7.10 -22.55 18.45
C GLN A 295 7.37 -21.54 17.34
N VAL A 296 7.25 -20.25 17.67
CA VAL A 296 7.59 -19.19 16.72
C VAL A 296 9.08 -19.21 16.40
N PHE A 297 9.92 -19.49 17.41
CA PHE A 297 11.36 -19.60 17.18
C PHE A 297 11.72 -20.80 16.32
N GLN A 298 10.88 -21.83 16.31
CA GLN A 298 11.13 -23.00 15.48
C GLN A 298 10.55 -22.89 14.08
N ALA A 299 9.55 -22.04 13.87
CA ALA A 299 8.83 -21.97 12.60
C ALA A 299 9.17 -20.72 11.80
N LEU A 300 10.44 -20.33 11.78
CA LEU A 300 10.87 -19.12 11.10
C LEU A 300 12.08 -19.40 10.21
N ARG A 301 12.23 -18.57 9.17
CA ARG A 301 13.31 -18.73 8.21
C ARG A 301 14.65 -18.33 8.81
N GLY A 302 15.72 -18.96 8.33
CA GLY A 302 17.05 -18.59 8.73
C GLY A 302 17.51 -17.28 8.10
N LEU A 303 18.58 -16.72 8.66
CA LEU A 303 19.11 -15.44 8.24
C LEU A 303 20.33 -15.63 7.37
N GLN A 304 20.43 -14.82 6.31
CA GLN A 304 21.48 -14.94 5.32
C GLN A 304 22.37 -13.69 5.34
N ARG A 305 23.31 -13.63 4.41
CA ARG A 305 24.23 -12.50 4.31
C ARG A 305 23.51 -11.24 3.89
N GLY A 306 22.67 -11.33 2.86
CA GLY A 306 22.03 -10.18 2.28
C GLY A 306 20.76 -9.71 2.96
N SER A 307 20.35 -10.36 4.05
CA SER A 307 19.13 -9.97 4.73
C SER A 307 19.34 -8.87 5.77
N ALA A 308 20.56 -8.34 5.89
CA ALA A 308 20.88 -7.34 6.89
C ALA A 308 21.73 -6.23 6.30
N VAL A 309 21.44 -4.99 6.69
CA VAL A 309 22.25 -3.84 6.33
C VAL A 309 22.61 -3.09 7.61
N VAL A 310 23.86 -2.62 7.70
CA VAL A 310 24.40 -2.02 8.91
C VAL A 310 25.11 -0.72 8.57
N GLY A 311 25.25 0.12 9.60
CA GLY A 311 25.97 1.37 9.45
C GLY A 311 26.51 1.83 10.80
N GLN A 312 27.50 2.73 10.74
CA GLN A 312 28.05 3.33 11.94
C GLN A 312 28.31 4.81 11.68
N TYR A 313 28.06 5.63 12.70
CA TYR A 313 28.23 7.07 12.51
C TYR A 313 29.71 7.43 12.54
N GLN A 314 30.04 8.55 11.88
CA GLN A 314 31.43 8.93 11.64
C GLN A 314 32.15 9.29 12.93
N SER A 315 31.44 9.83 13.91
CA SER A 315 32.05 10.15 15.20
C SER A 315 32.32 8.93 16.06
N TYR A 316 31.80 7.76 15.70
CA TYR A 316 31.96 6.58 16.55
C TYR A 316 33.39 6.06 16.53
N SER A 317 34.01 6.01 15.36
CA SER A 317 35.38 5.50 15.25
C SER A 317 36.36 6.38 16.00
N GLU A 318 36.23 7.71 15.85
CA GLU A 318 37.11 8.60 16.59
C GLU A 318 36.76 8.66 18.08
N GLN A 319 35.50 8.40 18.43
CA GLN A 319 35.14 8.31 19.84
C GLN A 319 35.78 7.09 20.50
N VAL A 320 35.80 5.95 19.80
CA VAL A 320 36.49 4.77 20.29
C VAL A 320 38.00 5.02 20.32
N ARG A 321 38.51 5.78 19.35
CA ARG A 321 39.93 6.15 19.33
C ARG A 321 40.31 7.01 20.53
N ARG A 322 39.46 7.97 20.90
CA ARG A 322 39.78 8.88 21.99
C ARG A 322 39.39 8.35 23.36
N GLU A 323 38.57 7.28 23.42
CA GLU A 323 38.21 6.72 24.71
C GLU A 323 39.16 5.61 25.14
N LEU A 324 39.67 4.82 24.19
CA LEU A 324 40.64 3.77 24.47
C LEU A 324 41.88 4.02 23.63
N GLN A 325 43.05 3.96 24.27
CA GLN A 325 44.32 4.26 23.60
C GLN A 325 44.89 2.97 23.02
N LYS A 326 44.90 2.87 21.71
CA LYS A 326 45.48 1.74 20.99
C LYS A 326 46.53 2.24 20.00
N PRO A 327 47.59 1.48 19.77
CA PRO A 327 48.66 1.95 18.89
C PRO A 327 48.24 2.00 17.42
N ASP A 328 48.96 2.82 16.67
CA ASP A 328 48.82 3.08 15.22
C ASP A 328 47.40 3.60 14.95
N SER A 329 46.80 3.28 13.81
CA SER A 329 45.49 3.76 13.43
C SER A 329 44.48 2.62 13.53
N PHE A 330 43.28 2.94 14.03
CA PHE A 330 42.26 1.93 14.28
C PHE A 330 40.93 2.38 13.69
N HIS A 331 40.22 1.44 13.07
CA HIS A 331 38.88 1.66 12.56
C HIS A 331 37.98 0.54 13.07
N SER A 332 36.91 0.91 13.78
CA SER A 332 36.01 -0.07 14.38
C SER A 332 34.93 -0.47 13.39
N LEU A 333 34.65 -1.76 13.33
CA LEU A 333 33.63 -2.30 12.43
C LEU A 333 32.30 -2.53 13.14
N THR A 334 32.11 -1.96 14.32
CA THR A 334 30.91 -2.19 15.11
C THR A 334 29.70 -1.56 14.43
N PRO A 335 28.65 -2.31 14.15
CA PRO A 335 27.41 -1.69 13.65
C PRO A 335 26.75 -0.83 14.73
N THR A 336 26.22 0.30 14.31
CA THR A 336 25.53 1.23 15.18
C THR A 336 24.07 1.41 14.79
N PHE A 337 23.75 1.25 13.52
CA PHE A 337 22.39 1.12 13.02
C PHE A 337 22.33 -0.19 12.27
N ALA A 338 21.22 -0.91 12.41
CA ALA A 338 21.06 -2.15 11.68
C ALA A 338 19.60 -2.37 11.31
N ALA A 339 19.39 -2.96 10.14
CA ALA A 339 18.08 -3.36 9.64
C ALA A 339 18.17 -4.79 9.15
N VAL A 340 17.23 -5.63 9.59
CA VAL A 340 17.19 -7.03 9.19
C VAL A 340 15.79 -7.37 8.68
N LEU A 341 15.75 -8.34 7.78
CA LEU A 341 14.52 -8.84 7.18
C LEU A 341 14.28 -10.27 7.65
N VAL A 342 13.07 -10.53 8.15
CA VAL A 342 12.72 -11.80 8.78
C VAL A 342 11.43 -12.30 8.16
N HIS A 343 11.45 -13.54 7.68
CA HIS A 343 10.26 -14.21 7.19
C HIS A 343 9.96 -15.40 8.09
N ILE A 344 8.68 -15.70 8.26
CA ILE A 344 8.23 -16.73 9.19
C ILE A 344 7.53 -17.80 8.37
N ASP A 345 8.22 -18.92 8.16
CA ASP A 345 7.71 -20.00 7.30
C ASP A 345 6.57 -20.75 7.99
N ASN A 346 5.34 -20.35 7.69
CA ASN A 346 4.17 -20.83 8.39
C ASN A 346 3.00 -20.78 7.42
N LEU A 347 1.82 -21.17 7.90
CA LEU A 347 0.56 -20.94 7.21
C LEU A 347 -0.02 -19.57 7.55
N ARG A 348 0.71 -18.75 8.30
CA ARG A 348 0.25 -17.46 8.77
C ARG A 348 1.07 -16.28 8.26
N TRP A 349 2.39 -16.42 8.12
CA TRP A 349 3.24 -15.31 7.72
C TRP A 349 4.19 -15.70 6.60
N GLU A 350 3.67 -16.40 5.58
CA GLU A 350 4.52 -16.91 4.51
C GLU A 350 5.08 -15.78 3.64
N GLY A 351 4.23 -14.86 3.20
CA GLY A 351 4.66 -13.76 2.37
C GLY A 351 4.86 -12.44 3.05
N VAL A 352 4.54 -12.34 4.35
CA VAL A 352 4.64 -11.09 5.09
C VAL A 352 6.10 -10.86 5.51
N PRO A 353 6.70 -9.72 5.15
CA PRO A 353 8.05 -9.42 5.63
C PRO A 353 8.04 -8.74 6.99
N PHE A 354 9.09 -8.99 7.76
CA PHE A 354 9.22 -8.48 9.12
C PHE A 354 10.52 -7.68 9.16
N ILE A 355 10.42 -6.37 9.28
CA ILE A 355 11.58 -5.50 9.31
C ILE A 355 11.88 -5.15 10.75
N LEU A 356 13.08 -5.46 11.20
CA LEU A 356 13.54 -5.02 12.52
C LEU A 356 14.74 -4.12 12.30
N MET A 357 14.59 -2.84 12.62
CA MET A 357 15.72 -1.93 12.53
C MET A 357 15.80 -1.10 13.80
N SER A 358 17.05 -0.75 14.15
CA SER A 358 17.29 0.18 15.24
C SER A 358 18.67 0.78 15.07
N GLY A 359 18.81 2.01 15.53
CA GLY A 359 20.09 2.69 15.50
C GLY A 359 20.05 3.91 16.38
N LYS A 360 21.23 4.35 16.78
CA LYS A 360 21.38 5.58 17.54
C LYS A 360 22.09 6.63 16.70
N ALA A 361 22.05 7.87 17.19
CA ALA A 361 22.41 9.08 16.45
C ALA A 361 21.63 9.17 15.14
N LEU A 362 20.34 8.91 15.22
CA LEU A 362 19.44 9.10 14.09
C LEU A 362 18.85 10.49 14.14
N ASP A 363 17.87 10.76 13.28
CA ASP A 363 17.20 12.05 13.25
C ASP A 363 16.04 12.15 14.22
N GLU A 364 15.73 11.08 14.93
CA GLU A 364 14.62 11.09 15.89
C GLU A 364 14.86 10.01 16.94
N ARG A 365 14.12 10.11 18.03
CA ARG A 365 14.09 9.09 19.09
C ARG A 365 12.65 8.64 19.24
N VAL A 366 12.38 7.39 18.89
CA VAL A 366 11.03 6.87 18.84
C VAL A 366 11.10 5.35 19.02
N GLY A 367 9.97 4.75 19.36
CA GLY A 367 9.89 3.31 19.42
C GLY A 367 8.47 2.82 19.22
N TYR A 368 8.29 1.89 18.30
CA TYR A 368 6.95 1.41 18.00
C TYR A 368 7.00 0.06 17.29
N ALA A 369 5.97 -0.73 17.53
CA ALA A 369 5.68 -1.94 16.76
C ALA A 369 4.49 -1.61 15.87
N ARG A 370 4.71 -1.51 14.57
CA ARG A 370 3.65 -1.12 13.64
C ARG A 370 3.40 -2.24 12.66
N ILE A 371 2.17 -2.73 12.61
CA ILE A 371 1.76 -3.69 11.60
C ILE A 371 0.87 -2.96 10.60
N LEU A 372 1.22 -3.11 9.32
CA LEU A 372 0.57 -2.40 8.23
C LEU A 372 -0.19 -3.40 7.37
N PHE A 373 -1.48 -3.16 7.22
CA PHE A 373 -2.37 -3.96 6.39
C PHE A 373 -2.19 -3.55 4.94
N LYS A 374 -2.70 -4.39 4.04
CA LYS A 374 -2.56 -4.11 2.62
C LYS A 374 -3.83 -3.47 2.06
N ASN A 375 -3.66 -2.66 1.02
CA ASN A 375 -4.77 -2.01 0.35
C ASN A 375 -5.50 -3.02 -0.52
N GLN A 376 -6.83 -3.10 -0.35
CA GLN A 376 -7.60 -4.12 -1.04
C GLN A 376 -8.93 -3.60 -1.59
N ALA A 377 -9.16 -2.29 -1.60
CA ALA A 377 -10.44 -1.75 -2.03
C ALA A 377 -10.22 -0.65 -3.06
N CYS A 378 -11.25 -0.45 -3.89
CA CYS A 378 -11.34 0.70 -4.78
C CYS A 378 -12.58 1.47 -4.40
N CYS A 379 -12.45 2.78 -4.24
CA CYS A 379 -13.52 3.60 -3.69
C CYS A 379 -14.21 4.36 -4.81
N VAL A 380 -15.53 4.20 -4.89
CA VAL A 380 -16.33 4.91 -5.89
C VAL A 380 -16.37 6.40 -5.57
N GLN A 381 -16.60 6.74 -4.31
CA GLN A 381 -16.56 8.13 -3.87
C GLN A 381 -15.13 8.66 -3.92
N SER A 382 -15.00 9.92 -4.33
CA SER A 382 -13.70 10.58 -4.35
C SER A 382 -13.30 10.97 -2.92
N GLU A 383 -12.17 11.65 -2.82
CA GLU A 383 -11.57 11.95 -1.52
C GLU A 383 -12.26 13.10 -0.78
N LYS A 384 -13.30 13.70 -1.36
CA LYS A 384 -13.99 14.81 -0.70
C LYS A 384 -14.82 14.33 0.48
N HIS A 385 -15.16 13.05 0.54
CA HIS A 385 -16.00 12.52 1.61
C HIS A 385 -15.41 11.24 2.21
N TRP A 386 -14.09 11.07 2.11
CA TRP A 386 -13.44 9.92 2.72
C TRP A 386 -13.36 10.11 4.24
N ALA A 387 -14.42 9.74 4.95
CA ALA A 387 -14.44 9.82 6.39
C ALA A 387 -13.46 8.84 7.00
N ALA A 388 -12.93 9.19 8.17
CA ALA A 388 -11.89 8.37 8.78
C ALA A 388 -12.44 7.07 9.35
N ALA A 389 -13.69 7.07 9.79
CA ALA A 389 -14.30 5.90 10.42
C ALA A 389 -15.19 5.10 9.48
N GLN A 390 -15.27 5.47 8.21
CA GLN A 390 -16.15 4.78 7.27
C GLN A 390 -15.41 4.12 6.12
N SER A 391 -14.62 4.87 5.35
CA SER A 391 -14.10 4.34 4.10
C SER A 391 -12.91 3.42 4.33
N GLN A 392 -12.70 2.51 3.38
CA GLN A 392 -11.66 1.50 3.49
C GLN A 392 -10.46 1.77 2.59
N CYS A 393 -10.40 2.94 1.95
CA CYS A 393 -9.27 3.28 1.11
C CYS A 393 -8.17 4.01 1.86
N LEU A 394 -8.49 4.64 2.98
CA LEU A 394 -7.46 5.15 3.87
C LEU A 394 -6.69 3.97 4.47
N PRO A 395 -5.40 4.15 4.77
CA PRO A 395 -4.59 3.03 5.28
C PRO A 395 -5.09 2.50 6.62
N ARG A 396 -4.97 1.19 6.79
CA ARG A 396 -5.34 0.50 8.01
C ARG A 396 -4.07 0.01 8.69
N GLN A 397 -3.91 0.34 9.96
CA GLN A 397 -2.68 -0.01 10.65
C GLN A 397 -2.91 -0.10 12.14
N LEU A 398 -2.08 -0.89 12.80
CA LEU A 398 -2.01 -0.94 14.26
C LEU A 398 -0.61 -0.56 14.71
N VAL A 399 -0.51 0.42 15.60
CA VAL A 399 0.76 0.85 16.14
C VAL A 399 0.73 0.69 17.65
N PHE A 400 1.71 0.00 18.19
CA PHE A 400 2.01 0.02 19.62
C PHE A 400 3.15 1.02 19.77
N HIS A 401 2.83 2.23 20.24
CA HIS A 401 3.82 3.26 20.51
C HIS A 401 4.38 3.01 21.90
N ILE A 402 5.69 2.81 21.99
CA ILE A 402 6.32 2.47 23.25
C ILE A 402 6.58 3.73 24.06
N GLY A 403 6.71 4.86 23.39
CA GLY A 403 7.02 6.11 24.02
C GLY A 403 7.82 6.98 23.08
N HIS A 404 8.23 8.14 23.60
CA HIS A 404 9.04 9.14 22.91
C HIS A 404 8.40 9.63 21.61
N GLY A 405 9.21 10.17 20.71
CA GLY A 405 8.71 10.70 19.46
C GLY A 405 7.84 11.93 19.66
N ASP A 406 6.87 12.09 18.75
CA ASP A 406 5.96 13.22 18.83
C ASP A 406 4.91 13.02 19.92
N LEU A 407 4.57 11.77 20.22
CA LEU A 407 3.53 11.51 21.21
C LEU A 407 4.09 11.54 22.63
N GLY A 408 5.31 11.06 22.81
CA GLY A 408 5.91 10.99 24.14
C GLY A 408 5.46 9.84 25.02
N SER A 409 4.17 9.76 25.31
CA SER A 409 3.62 8.68 26.11
C SER A 409 3.53 7.40 25.28
N PRO A 410 3.46 6.24 25.93
CA PRO A 410 3.07 5.02 25.22
C PRO A 410 1.61 5.11 24.77
N ALA A 411 1.31 4.43 23.66
CA ALA A 411 0.00 4.54 23.06
C ALA A 411 -0.34 3.26 22.32
N VAL A 412 -1.63 3.03 22.13
CA VAL A 412 -2.17 2.04 21.22
C VAL A 412 -2.98 2.80 20.18
N LEU A 413 -2.54 2.73 18.93
CA LEU A 413 -3.17 3.46 17.83
C LEU A 413 -3.78 2.45 16.86
N VAL A 414 -5.08 2.54 16.67
CA VAL A 414 -5.83 1.71 15.74
C VAL A 414 -6.33 2.62 14.63
N SER A 415 -6.27 2.17 13.39
CA SER A 415 -6.99 2.91 12.35
C SER A 415 -8.49 2.80 12.59
N ARG A 416 -9.20 3.91 12.40
CA ARG A 416 -10.61 3.99 12.83
C ARG A 416 -11.52 3.11 11.98
N ASN A 417 -11.17 2.89 10.72
CA ASN A 417 -12.00 2.09 9.83
C ASN A 417 -11.96 0.61 10.17
N LEU A 418 -10.94 0.14 10.89
CA LEU A 418 -10.80 -1.26 11.25
C LEU A 418 -11.91 -1.73 12.18
N PHE A 419 -11.90 -1.24 13.42
CA PHE A 419 -12.85 -1.64 14.46
C PHE A 419 -12.62 -0.74 15.66
N ARG A 420 -13.54 -0.83 16.63
CA ARG A 420 -13.40 -0.11 17.88
C ARG A 420 -12.76 -1.03 18.90
N PRO A 421 -11.51 -0.79 19.31
CA PRO A 421 -10.82 -1.73 20.19
C PRO A 421 -11.32 -1.64 21.62
N SER A 422 -11.04 -2.70 22.38
CA SER A 422 -11.32 -2.76 23.80
C SER A 422 -10.00 -2.86 24.55
N LEU A 423 -9.79 -1.95 25.48
CA LEU A 423 -8.62 -1.90 26.35
C LEU A 423 -9.11 -1.72 27.78
N PRO A 424 -8.33 -2.19 28.79
CA PRO A 424 -8.83 -2.11 30.18
C PRO A 424 -8.88 -0.71 30.75
N SER A 425 -9.27 -0.60 32.02
CA SER A 425 -9.41 0.69 32.68
C SER A 425 -8.07 1.36 32.97
N SER A 426 -6.95 0.65 32.84
CA SER A 426 -5.64 1.27 32.97
C SER A 426 -5.30 2.18 31.81
N TRP A 427 -5.95 2.01 30.66
CA TRP A 427 -5.74 2.84 29.49
C TRP A 427 -7.02 3.60 29.18
N LYS A 428 -6.87 4.78 28.58
CA LYS A 428 -8.00 5.65 28.30
C LYS A 428 -7.77 6.38 26.99
N GLU A 429 -8.87 6.86 26.41
CA GLU A 429 -8.82 7.62 25.17
C GLU A 429 -8.15 8.97 25.41
N MET A 430 -7.02 9.19 24.76
CA MET A 430 -6.29 10.45 24.91
C MET A 430 -6.62 11.39 23.75
N GLU A 431 -6.39 12.68 23.99
CA GLU A 431 -6.64 13.72 23.00
C GLU A 431 -5.33 14.48 22.76
N GLY A 432 -4.62 14.10 21.70
CA GLY A 432 -3.40 14.78 21.33
C GLY A 432 -3.68 15.98 20.45
N PRO A 433 -2.64 16.57 19.88
CA PRO A 433 -2.83 17.69 18.96
C PRO A 433 -3.37 17.20 17.63
N PRO A 434 -4.46 17.79 17.14
CA PRO A 434 -5.00 17.38 15.84
C PRO A 434 -4.11 17.84 14.70
N GLY A 435 -4.06 17.03 13.65
CA GLY A 435 -3.24 17.31 12.50
C GLY A 435 -1.81 16.84 12.58
N LEU A 436 -1.40 16.23 13.69
CA LEU A 436 -0.06 15.69 13.80
C LEU A 436 0.09 14.46 12.93
N ARG A 437 1.22 14.38 12.23
CA ARG A 437 1.42 13.37 11.19
C ARG A 437 2.25 12.21 11.72
N LEU A 438 1.66 11.01 11.68
CA LEU A 438 2.35 9.77 12.00
C LEU A 438 2.29 8.86 10.79
N PHE A 439 3.47 8.57 10.22
CA PHE A 439 3.63 7.80 8.98
C PHE A 439 2.84 8.41 7.83
N GLY A 440 2.81 9.74 7.77
CA GLY A 440 2.09 10.44 6.73
C GLY A 440 0.61 10.58 6.95
N SER A 441 0.08 10.14 8.10
CA SER A 441 -1.34 10.21 8.32
C SER A 441 -1.65 11.09 9.52
N PRO A 442 -2.76 11.87 9.45
CA PRO A 442 -3.12 12.66 10.63
C PRO A 442 -3.46 11.81 11.84
N LEU A 443 -3.23 12.36 13.02
CA LEU A 443 -3.53 11.64 14.25
C LEU A 443 -5.02 11.43 14.40
N SER A 444 -5.80 12.43 14.03
CA SER A 444 -7.25 12.34 14.17
C SER A 444 -7.79 11.02 13.64
N ASP A 445 -7.16 10.47 12.61
CA ASP A 445 -7.63 9.23 12.01
C ASP A 445 -7.57 8.07 13.00
N TYR A 446 -6.61 8.06 13.90
CA TYR A 446 -6.43 6.93 14.80
C TYR A 446 -7.37 7.00 15.99
N TYR A 447 -7.92 5.85 16.36
CA TYR A 447 -8.33 5.58 17.73
C TYR A 447 -7.07 5.48 18.58
N ALA A 448 -6.84 6.44 19.47
CA ALA A 448 -5.62 6.50 20.25
C ALA A 448 -5.93 6.26 21.71
N TYR A 449 -5.12 5.43 22.36
CA TYR A 449 -5.27 5.14 23.78
C TYR A 449 -3.91 5.28 24.45
N SER A 450 -3.91 5.81 25.67
CA SER A 450 -2.71 5.98 26.47
C SER A 450 -2.99 5.52 27.89
N PRO A 451 -1.98 5.06 28.63
CA PRO A 451 -2.24 4.60 30.00
C PRO A 451 -2.64 5.75 30.93
N VAL A 452 -3.51 5.43 31.88
CA VAL A 452 -4.00 6.45 32.81
C VAL A 452 -2.94 6.81 33.85
N ARG A 453 -1.89 5.99 33.98
CA ARG A 453 -0.80 6.29 34.90
C ARG A 453 0.47 5.71 34.32
N GLU A 454 1.51 6.52 34.26
CA GLU A 454 2.79 6.08 33.72
C GLU A 454 3.56 5.34 34.81
N ARG A 455 4.22 4.27 34.42
CA ARG A 455 5.01 3.46 35.35
C ARG A 455 6.35 3.15 34.69
N ASP A 456 7.40 3.10 35.50
CA ASP A 456 8.70 2.74 34.98
C ASP A 456 8.76 1.25 34.66
N ALA A 457 9.75 0.88 33.84
CA ALA A 457 9.91 -0.52 33.46
C ALA A 457 10.42 -1.35 34.64
N HIS A 458 11.40 -0.83 35.37
CA HIS A 458 12.04 -1.61 36.42
C HIS A 458 11.14 -1.77 37.63
N SER A 459 10.23 -0.82 37.86
CA SER A 459 9.29 -0.95 38.97
C SER A 459 8.33 -2.11 38.75
N VAL A 460 7.75 -2.21 37.55
CA VAL A 460 6.83 -3.31 37.28
C VAL A 460 7.60 -4.63 37.12
N LEU A 461 8.86 -4.56 36.69
CA LEU A 461 9.67 -5.78 36.61
C LEU A 461 9.99 -6.32 38.01
N LEU A 462 10.34 -5.44 38.95
CA LEU A 462 10.58 -5.88 40.32
C LEU A 462 9.30 -6.34 41.01
N SER A 463 8.17 -5.71 40.68
CA SER A 463 6.88 -6.17 41.19
C SER A 463 6.53 -7.56 40.65
N HIS A 464 6.91 -7.86 39.42
CA HIS A 464 6.67 -9.19 38.87
C HIS A 464 7.64 -10.23 39.41
N ILE A 465 8.87 -9.82 39.75
CA ILE A 465 9.79 -10.71 40.47
C ILE A 465 9.21 -11.08 41.82
N PHE A 466 8.70 -10.08 42.55
CA PHE A 466 8.08 -10.33 43.85
C PHE A 466 6.82 -11.18 43.70
N HIS A 467 6.03 -10.95 42.66
CA HIS A 467 4.83 -11.74 42.45
C HIS A 467 5.11 -13.09 41.82
N GLY A 468 6.31 -13.31 41.31
CA GLY A 468 6.65 -14.59 40.70
C GLY A 468 5.94 -14.88 39.40
N ARG A 469 5.78 -13.89 38.53
CA ARG A 469 5.19 -14.07 37.22
C ARG A 469 6.32 -14.15 36.20
N LYS A 470 6.55 -15.33 35.67
CA LYS A 470 7.68 -15.59 34.78
C LYS A 470 7.34 -15.32 33.31
N ASN A 471 6.15 -14.79 33.02
CA ASN A 471 5.76 -14.51 31.64
C ASN A 471 6.56 -13.36 31.04
N PHE A 472 7.14 -12.51 31.86
CA PHE A 472 7.83 -11.30 31.43
C PHE A 472 9.34 -11.44 31.51
N PHE A 473 9.84 -12.66 31.49
CA PHE A 473 11.25 -12.92 31.70
C PHE A 473 11.71 -13.96 30.69
N ILE A 474 13.00 -14.27 30.75
CA ILE A 474 13.65 -15.11 29.76
C ILE A 474 14.08 -16.42 30.41
N THR A 475 13.69 -17.53 29.81
CA THR A 475 14.22 -18.84 30.14
C THR A 475 15.32 -19.20 29.17
N THR A 476 16.21 -20.11 29.58
CA THR A 476 17.42 -20.37 28.81
C THR A 476 17.15 -21.09 27.50
N GLU A 477 16.03 -21.81 27.38
CA GLU A 477 15.64 -22.36 26.10
C GLU A 477 15.33 -21.26 25.10
N ASN A 478 14.61 -20.22 25.55
CA ASN A 478 14.30 -19.07 24.71
C ASN A 478 15.56 -18.29 24.35
N LEU A 479 16.47 -18.14 25.31
CA LEU A 479 17.72 -17.42 25.07
C LEU A 479 18.60 -18.14 24.06
N LEU A 480 18.70 -19.47 24.18
CA LEU A 480 19.51 -20.21 23.23
C LEU A 480 18.83 -20.35 21.88
N ALA A 481 17.49 -20.36 21.84
CA ALA A 481 16.79 -20.29 20.56
C ALA A 481 17.03 -18.96 19.85
N SER A 482 17.03 -17.87 20.62
CA SER A 482 17.36 -16.55 20.08
C SER A 482 18.79 -16.50 19.56
N TRP A 483 19.73 -17.07 20.32
CA TRP A 483 21.12 -17.07 19.89
C TRP A 483 21.34 -17.95 18.67
N ASN A 484 20.61 -19.07 18.57
CA ASN A 484 20.70 -19.90 17.37
C ASN A 484 20.07 -19.22 16.17
N PHE A 485 19.07 -18.36 16.39
CA PHE A 485 18.55 -17.53 15.32
C PHE A 485 19.60 -16.52 14.86
N TRP A 486 20.25 -15.84 15.80
CA TRP A 486 20.98 -14.62 15.47
C TRP A 486 22.46 -14.84 15.18
N THR A 487 23.06 -15.93 15.69
CA THR A 487 24.49 -16.17 15.50
C THR A 487 24.97 -16.32 14.05
N PRO A 488 24.27 -17.02 13.12
CA PRO A 488 24.76 -17.03 11.72
C PRO A 488 24.80 -15.65 11.08
N LEU A 489 23.84 -14.78 11.40
CA LEU A 489 23.89 -13.40 10.93
C LEU A 489 25.08 -12.67 11.50
N LEU A 490 25.41 -12.92 12.77
CA LEU A 490 26.54 -12.25 13.40
C LEU A 490 27.87 -12.70 12.81
N GLU A 491 28.04 -14.00 12.57
CA GLU A 491 29.30 -14.45 12.01
C GLU A 491 29.41 -14.15 10.52
N SER A 492 28.29 -14.02 9.83
CA SER A 492 28.34 -13.56 8.44
C SER A 492 28.68 -12.08 8.35
N LEU A 493 28.12 -11.28 9.26
CA LEU A 493 28.30 -9.84 9.27
C LEU A 493 29.57 -9.40 9.97
N ALA A 494 30.52 -10.30 10.18
CA ALA A 494 31.71 -10.02 10.98
C ALA A 494 32.89 -9.52 10.15
N HIS A 495 32.70 -9.30 8.84
CA HIS A 495 33.77 -8.77 8.01
C HIS A 495 33.29 -7.71 7.04
N LYS A 496 32.02 -7.31 7.10
CA LYS A 496 31.48 -6.29 6.21
C LYS A 496 31.73 -4.91 6.78
N ALA A 497 32.37 -4.05 6.01
CA ALA A 497 32.57 -2.67 6.42
C ALA A 497 31.25 -1.91 6.29
N PRO A 498 30.74 -1.32 7.35
CA PRO A 498 29.44 -0.65 7.27
C PRO A 498 29.54 0.72 6.63
N ARG A 499 28.39 1.21 6.16
CA ARG A 499 28.31 2.49 5.47
C ARG A 499 28.15 3.62 6.48
N LEU A 500 29.03 4.62 6.38
CA LEU A 500 29.07 5.71 7.35
C LEU A 500 27.96 6.72 7.07
N TYR A 501 27.38 7.23 8.15
CA TYR A 501 26.38 8.28 8.08
C TYR A 501 26.74 9.39 9.06
N PRO A 502 26.41 10.65 8.74
CA PRO A 502 26.82 11.75 9.63
C PRO A 502 26.01 11.83 10.91
N GLY A 503 24.78 11.39 10.92
CA GLY A 503 24.00 11.38 12.14
C GLY A 503 23.13 12.62 12.29
N GLY A 504 22.06 12.47 13.06
CA GLY A 504 21.14 13.58 13.24
C GLY A 504 20.28 13.78 12.01
N ALA A 505 19.92 15.04 11.76
CA ALA A 505 19.11 15.38 10.61
C ALA A 505 19.93 15.49 9.32
N GLU A 506 21.26 15.38 9.41
CA GLU A 506 22.13 15.47 8.25
C GLU A 506 22.21 14.16 7.47
N ASN A 507 21.56 13.09 7.97
CA ASN A 507 21.55 11.81 7.28
C ASN A 507 20.82 11.90 5.94
N GLY A 508 19.64 12.53 5.93
CA GLY A 508 18.83 12.56 4.73
C GLY A 508 18.30 11.16 4.44
N ARG A 509 18.56 10.68 3.22
CA ARG A 509 18.12 9.36 2.79
C ARG A 509 19.30 8.41 2.64
N LEU A 510 20.37 8.62 3.40
CA LEU A 510 21.55 7.77 3.27
C LEU A 510 21.36 6.40 3.91
N LEU A 511 20.43 6.27 4.85
CA LEU A 511 20.20 5.00 5.52
C LEU A 511 18.93 4.31 5.06
N ASP A 512 18.18 4.89 4.13
CA ASP A 512 16.94 4.29 3.66
C ASP A 512 17.21 3.03 2.85
N PHE A 513 16.27 2.10 2.90
CA PHE A 513 16.48 0.78 2.31
C PHE A 513 15.14 0.22 1.82
N GLU A 514 15.25 -0.77 0.94
CA GLU A 514 14.13 -1.51 0.39
C GLU A 514 14.31 -3.00 0.69
N PHE A 515 13.19 -3.71 0.76
CA PHE A 515 13.18 -5.17 0.80
C PHE A 515 12.70 -5.69 -0.55
N SER A 516 13.54 -6.46 -1.22
CA SER A 516 13.18 -7.15 -2.45
C SER A 516 13.37 -8.65 -2.22
N SER A 517 12.29 -9.41 -2.45
CA SER A 517 12.17 -10.82 -2.10
C SER A 517 12.51 -11.04 -0.62
N GLY A 518 13.56 -11.80 -0.35
CA GLY A 518 14.03 -11.98 1.01
C GLY A 518 15.38 -11.32 1.22
N ARG A 519 15.58 -10.16 0.60
CA ARG A 519 16.86 -9.46 0.66
C ARG A 519 16.61 -7.98 0.95
N LEU A 520 17.56 -7.36 1.65
CA LEU A 520 17.54 -5.93 1.95
C LEU A 520 18.65 -5.24 1.18
N PHE A 521 18.37 -4.03 0.70
CA PHE A 521 19.40 -3.24 0.04
C PHE A 521 19.07 -1.75 0.18
N PHE A 522 20.11 -0.93 0.26
CA PHE A 522 19.96 0.49 0.47
C PHE A 522 19.33 1.18 -0.74
N SER A 523 18.57 2.24 -0.47
CA SER A 523 17.89 2.98 -1.54
C SER A 523 18.89 3.69 -2.44
N GLN A 524 19.81 4.45 -1.85
CA GLN A 524 20.72 5.31 -2.58
C GLN A 524 22.11 4.68 -2.57
N GLN A 525 22.54 4.20 -3.72
CA GLN A 525 23.84 3.56 -3.83
C GLN A 525 24.95 4.59 -3.73
N GLN A 526 26.15 4.10 -3.43
CA GLN A 526 27.31 4.97 -3.25
C GLN A 526 28.59 4.25 -3.64
N GLY B 24 -4.49 12.87 -56.05
CA GLY B 24 -5.16 11.86 -55.24
C GLY B 24 -6.53 12.29 -54.77
N HIS B 25 -7.54 12.10 -55.63
CA HIS B 25 -8.91 12.50 -55.31
C HIS B 25 -9.60 11.39 -54.54
N VAL B 26 -10.09 11.72 -53.35
CA VAL B 26 -10.74 10.77 -52.45
C VAL B 26 -12.19 11.17 -52.31
N SER B 27 -13.09 10.21 -52.50
CA SER B 27 -14.53 10.46 -52.40
C SER B 27 -15.04 9.91 -51.08
N ILE B 28 -15.46 10.80 -50.17
CA ILE B 28 -15.99 10.41 -48.87
C ILE B 28 -17.49 10.58 -48.90
N ILE B 29 -18.21 9.52 -48.53
CA ILE B 29 -19.66 9.57 -48.50
C ILE B 29 -20.19 9.23 -47.13
N LEU B 30 -21.01 10.12 -46.58
CA LEU B 30 -21.60 9.87 -45.27
C LEU B 30 -23.02 9.36 -45.46
N LEU B 31 -23.30 8.15 -44.99
CA LEU B 31 -24.62 7.55 -45.22
C LEU B 31 -25.62 7.80 -44.09
N GLY B 32 -25.24 8.64 -43.12
CA GLY B 32 -26.10 8.91 -41.99
C GLY B 32 -26.39 10.38 -41.77
N ALA B 33 -26.67 11.12 -42.85
CA ALA B 33 -26.85 12.56 -42.78
C ALA B 33 -28.11 12.97 -42.03
N THR B 34 -29.11 12.09 -41.93
CA THR B 34 -30.30 12.41 -41.17
C THR B 34 -30.09 12.32 -39.66
N GLY B 35 -29.02 11.65 -39.22
CA GLY B 35 -28.76 11.52 -37.80
C GLY B 35 -28.14 12.76 -37.20
N ASP B 36 -28.27 12.85 -35.87
CA ASP B 36 -27.74 14.01 -35.16
C ASP B 36 -26.23 13.93 -34.98
N LEU B 37 -25.68 12.70 -34.93
CA LEU B 37 -24.26 12.54 -34.73
C LEU B 37 -23.45 12.94 -35.94
N ALA B 38 -24.09 13.03 -37.11
CA ALA B 38 -23.39 13.45 -38.33
C ALA B 38 -22.91 14.89 -38.24
N LYS B 39 -23.76 15.80 -37.78
CA LYS B 39 -23.29 17.17 -37.58
C LYS B 39 -22.90 17.44 -36.14
N LYS B 40 -23.03 16.45 -35.26
CA LYS B 40 -22.51 16.62 -33.90
C LYS B 40 -21.00 16.45 -33.87
N TYR B 41 -20.49 15.42 -34.53
CA TYR B 41 -19.04 15.22 -34.60
C TYR B 41 -18.52 15.02 -36.01
N LEU B 42 -19.28 14.34 -36.88
CA LEU B 42 -18.72 13.81 -38.12
C LEU B 42 -18.49 14.90 -39.17
N TRP B 43 -19.42 15.86 -39.30
CA TRP B 43 -19.21 16.96 -40.22
C TRP B 43 -18.05 17.85 -39.77
N GLN B 44 -17.93 18.04 -38.46
CA GLN B 44 -16.80 18.80 -37.91
C GLN B 44 -15.50 18.05 -38.13
N GLY B 45 -15.51 16.73 -37.98
CA GLY B 45 -14.32 15.95 -38.25
C GLY B 45 -13.92 15.96 -39.71
N LEU B 46 -14.89 15.96 -40.61
CA LEU B 46 -14.59 16.05 -42.03
C LEU B 46 -14.06 17.44 -42.40
N PHE B 47 -14.61 18.48 -41.78
CA PHE B 47 -14.10 19.84 -41.98
C PHE B 47 -12.66 19.96 -41.46
N GLN B 48 -12.39 19.34 -40.32
CA GLN B 48 -11.03 19.33 -39.77
C GLN B 48 -10.10 18.51 -40.67
N LEU B 49 -10.61 17.45 -41.29
CA LEU B 49 -9.81 16.67 -42.23
C LEU B 49 -9.48 17.47 -43.48
N TYR B 50 -10.42 18.30 -43.94
CA TYR B 50 -10.12 19.21 -45.05
C TYR B 50 -9.08 20.24 -44.62
N LEU B 51 -9.23 20.78 -43.41
CA LEU B 51 -8.32 21.82 -42.95
C LEU B 51 -6.91 21.28 -42.74
N ASP B 52 -6.78 20.02 -42.35
CA ASP B 52 -5.48 19.40 -42.26
C ASP B 52 -4.96 18.98 -43.63
N GLU B 53 -5.83 18.53 -44.52
CA GLU B 53 -5.44 17.99 -45.82
C GLU B 53 -6.17 18.75 -46.91
N ALA B 54 -5.58 19.87 -47.35
CA ALA B 54 -6.13 20.68 -48.44
C ALA B 54 -5.01 20.84 -49.46
N GLY B 55 -4.90 19.86 -50.36
CA GLY B 55 -3.84 19.87 -51.36
C GLY B 55 -2.49 19.54 -50.79
N HIS B 58 -3.78 16.82 -53.13
CA HIS B 58 -4.72 15.73 -52.97
C HIS B 58 -6.16 16.24 -52.95
N SER B 59 -6.89 15.98 -54.03
CA SER B 59 -8.26 16.46 -54.16
C SER B 59 -9.20 15.70 -53.24
N PHE B 60 -10.38 16.29 -53.03
CA PHE B 60 -11.37 15.72 -52.12
C PHE B 60 -12.75 15.88 -52.73
N SER B 61 -13.67 15.02 -52.29
CA SER B 61 -15.09 15.22 -52.56
C SER B 61 -15.89 14.66 -51.40
N PHE B 62 -16.98 15.34 -51.06
CA PHE B 62 -17.78 15.00 -49.88
C PHE B 62 -19.25 14.89 -50.30
N HIS B 63 -19.86 13.75 -50.01
CA HIS B 63 -21.25 13.50 -50.36
C HIS B 63 -22.00 12.97 -49.15
N GLY B 64 -23.29 13.30 -49.08
CA GLY B 64 -24.12 12.85 -47.99
C GLY B 64 -25.34 12.11 -48.52
N ALA B 65 -25.89 11.27 -47.66
CA ALA B 65 -27.03 10.43 -48.02
C ALA B 65 -27.93 10.22 -46.82
N ALA B 66 -29.23 10.13 -47.08
CA ALA B 66 -30.23 9.91 -46.05
C ALA B 66 -31.49 9.33 -46.67
N LEU B 67 -32.37 8.83 -45.81
CA LEU B 67 -33.72 8.42 -46.21
C LEU B 67 -34.66 9.57 -45.86
N THR B 68 -34.59 10.63 -46.66
CA THR B 68 -35.26 11.88 -46.38
C THR B 68 -35.67 12.46 -47.74
N ALA B 69 -36.72 13.29 -47.75
CA ALA B 69 -37.09 14.03 -48.94
C ALA B 69 -35.93 14.93 -49.37
N PRO B 70 -35.67 15.07 -50.68
CA PRO B 70 -34.41 15.68 -51.12
C PRO B 70 -34.32 17.19 -50.87
N LYS B 71 -35.43 17.92 -50.92
CA LYS B 71 -35.39 19.33 -50.57
C LYS B 71 -35.20 19.52 -49.07
N GLN B 72 -35.89 18.69 -48.27
CA GLN B 72 -35.69 18.73 -46.83
C GLN B 72 -34.31 18.23 -46.44
N GLY B 73 -33.80 17.23 -47.15
CA GLY B 73 -32.43 16.78 -46.93
C GLY B 73 -31.42 17.85 -47.31
N GLN B 74 -31.69 18.61 -48.37
CA GLN B 74 -30.78 19.65 -48.82
C GLN B 74 -30.75 20.81 -47.84
N GLU B 75 -31.91 21.24 -47.35
CA GLU B 75 -31.91 22.30 -46.34
C GLU B 75 -31.34 21.78 -45.01
N LEU B 76 -31.46 20.48 -44.74
CA LEU B 76 -30.86 19.94 -43.52
C LEU B 76 -29.34 19.90 -43.60
N MET B 77 -28.76 19.52 -44.75
CA MET B 77 -27.30 19.51 -44.77
C MET B 77 -26.76 20.92 -44.94
N ALA B 78 -27.57 21.86 -45.49
CA ALA B 78 -27.20 23.26 -45.44
C ALA B 78 -27.18 23.79 -44.01
N LYS B 79 -28.16 23.37 -43.19
CA LYS B 79 -28.18 23.76 -41.78
C LYS B 79 -27.03 23.13 -41.01
N ALA B 80 -26.67 21.89 -41.37
CA ALA B 80 -25.50 21.23 -40.78
C ALA B 80 -24.21 21.94 -41.18
N LEU B 81 -24.11 22.40 -42.43
CA LEU B 81 -22.95 23.14 -42.88
C LEU B 81 -22.90 24.55 -42.31
N GLU B 82 -24.03 25.06 -41.83
CA GLU B 82 -24.02 26.36 -41.16
C GLU B 82 -23.28 26.28 -39.83
N SER B 83 -23.56 25.26 -39.02
CA SER B 83 -22.94 25.09 -37.71
C SER B 83 -21.59 24.41 -37.90
N LEU B 84 -20.56 25.22 -38.15
CA LEU B 84 -19.20 24.71 -38.31
C LEU B 84 -18.27 25.56 -37.48
N SER B 85 -17.62 24.93 -36.49
CA SER B 85 -16.62 25.62 -35.69
C SER B 85 -15.28 25.64 -36.43
N CYS B 86 -14.27 26.24 -35.81
CA CYS B 86 -12.96 26.38 -36.43
C CYS B 86 -11.94 26.61 -35.34
N PRO B 87 -10.66 26.30 -35.57
CA PRO B 87 -9.62 26.73 -34.63
C PRO B 87 -9.54 28.24 -34.52
N LYS B 88 -9.19 28.72 -33.32
CA LYS B 88 -9.14 30.15 -33.07
C LYS B 88 -7.78 30.76 -33.36
N ASP B 89 -6.74 29.95 -33.55
CA ASP B 89 -5.40 30.50 -33.73
C ASP B 89 -5.22 31.10 -35.12
N MET B 90 -5.72 30.42 -36.16
CA MET B 90 -5.54 30.89 -37.53
C MET B 90 -6.54 31.98 -37.86
N ALA B 91 -6.25 32.73 -38.91
CA ALA B 91 -7.00 33.95 -39.21
C ALA B 91 -8.40 33.61 -39.73
N PRO B 92 -9.40 34.43 -39.38
CA PRO B 92 -10.76 34.15 -39.88
C PRO B 92 -10.95 34.45 -41.36
N SER B 93 -10.07 35.25 -41.97
CA SER B 93 -10.20 35.54 -43.40
C SER B 93 -9.91 34.30 -44.24
N HIS B 94 -8.87 33.54 -43.89
CA HIS B 94 -8.60 32.26 -44.53
C HIS B 94 -9.63 31.22 -44.14
N CYS B 95 -10.17 31.30 -42.91
CA CYS B 95 -11.23 30.41 -42.46
C CYS B 95 -12.49 30.55 -43.32
N ALA B 96 -12.84 31.79 -43.68
CA ALA B 96 -14.05 32.03 -44.48
C ALA B 96 -13.93 31.43 -45.87
N GLU B 97 -12.77 31.60 -46.52
CA GLU B 97 -12.63 31.04 -47.87
C GLU B 97 -12.46 29.53 -47.85
N HIS B 98 -11.86 28.97 -46.80
CA HIS B 98 -11.80 27.52 -46.67
C HIS B 98 -13.18 26.93 -46.39
N LYS B 99 -14.00 27.63 -45.60
CA LYS B 99 -15.37 27.20 -45.37
C LYS B 99 -16.22 27.30 -46.64
N ASP B 100 -15.97 28.33 -47.46
CA ASP B 100 -16.68 28.42 -48.74
C ASP B 100 -16.25 27.30 -49.70
N GLN B 101 -14.96 26.94 -49.69
CA GLN B 101 -14.51 25.82 -50.49
C GLN B 101 -15.13 24.50 -50.04
N PHE B 102 -15.24 24.30 -48.71
CA PHE B 102 -15.91 23.11 -48.20
C PHE B 102 -17.41 23.11 -48.50
N LEU B 103 -18.04 24.28 -48.52
CA LEU B 103 -19.43 24.37 -48.94
C LEU B 103 -19.58 24.04 -50.42
N GLN B 104 -18.59 24.43 -51.22
CA GLN B 104 -18.57 24.07 -52.65
C GLN B 104 -18.44 22.56 -52.84
N LEU B 105 -17.53 21.93 -52.10
CA LEU B 105 -17.25 20.51 -52.32
C LEU B 105 -18.30 19.57 -51.72
N SER B 106 -19.16 20.07 -50.83
CA SER B 106 -20.13 19.21 -50.17
C SER B 106 -21.38 19.07 -51.02
N GLN B 107 -21.90 17.85 -51.13
CA GLN B 107 -23.08 17.57 -51.94
C GLN B 107 -23.97 16.57 -51.21
N TYR B 108 -25.21 16.44 -51.69
CA TYR B 108 -26.19 15.54 -51.10
C TYR B 108 -26.86 14.74 -52.20
N ARG B 109 -27.26 13.51 -51.89
CA ARG B 109 -27.96 12.67 -52.85
C ARG B 109 -28.89 11.72 -52.12
N GLN B 110 -30.11 11.56 -52.65
CA GLN B 110 -31.11 10.69 -52.05
C GLN B 110 -31.06 9.30 -52.69
N LEU B 111 -31.18 8.26 -51.85
CA LEU B 111 -30.96 6.88 -52.26
C LEU B 111 -32.21 6.06 -51.96
N LYS B 112 -32.85 5.53 -52.99
CA LYS B 112 -33.97 4.62 -52.80
C LYS B 112 -33.71 3.24 -53.38
N THR B 113 -33.41 3.12 -54.66
CA THR B 113 -33.22 1.85 -55.34
C THR B 113 -31.81 1.80 -55.93
N ALA B 114 -31.47 0.65 -56.53
CA ALA B 114 -30.12 0.41 -57.05
C ALA B 114 -29.74 1.33 -58.20
N GLU B 115 -30.74 1.85 -58.93
CA GLU B 115 -30.46 2.85 -59.95
C GLU B 115 -29.97 4.16 -59.33
N ASP B 116 -30.42 4.46 -58.10
CA ASP B 116 -29.92 5.65 -57.42
C ASP B 116 -28.46 5.50 -57.00
N TYR B 117 -28.04 4.30 -56.59
CA TYR B 117 -26.62 4.10 -56.31
C TYR B 117 -25.79 4.05 -57.59
N GLN B 118 -26.39 3.58 -58.70
CA GLN B 118 -25.71 3.70 -59.99
C GLN B 118 -25.52 5.16 -60.38
N ALA B 119 -26.53 5.99 -60.11
CA ALA B 119 -26.40 7.43 -60.33
C ALA B 119 -25.42 8.06 -59.35
N LEU B 120 -25.29 7.50 -58.15
CA LEU B 120 -24.27 7.96 -57.20
C LEU B 120 -22.87 7.68 -57.74
N ASN B 121 -22.68 6.50 -58.32
CA ASN B 121 -21.38 6.19 -58.95
C ASN B 121 -21.11 7.11 -60.13
N LYS B 122 -22.15 7.38 -60.93
CA LYS B 122 -22.01 8.29 -62.06
C LYS B 122 -21.70 9.71 -61.60
N ASP B 123 -22.31 10.15 -60.49
CA ASP B 123 -22.03 11.47 -59.94
C ASP B 123 -20.64 11.53 -59.32
N ILE B 124 -20.15 10.41 -58.78
CA ILE B 124 -18.78 10.34 -58.30
C ILE B 124 -17.80 10.51 -59.46
N GLU B 125 -18.08 9.83 -60.59
CA GLU B 125 -17.25 10.03 -61.78
C GLU B 125 -17.35 11.44 -62.33
N ALA B 126 -18.54 12.04 -62.24
CA ALA B 126 -18.73 13.43 -62.64
C ALA B 126 -17.90 14.38 -61.77
N GLN B 127 -17.82 14.10 -60.47
CA GLN B 127 -16.96 14.88 -59.60
C GLN B 127 -15.48 14.62 -59.86
N LEU B 128 -15.13 13.43 -60.38
CA LEU B 128 -13.76 13.24 -60.85
C LEU B 128 -13.46 14.13 -62.06
N GLN B 129 -14.38 14.20 -63.03
CA GLN B 129 -14.12 15.05 -64.19
C GLN B 129 -14.24 16.54 -63.85
N HIS B 130 -14.95 16.89 -62.77
CA HIS B 130 -15.00 18.29 -62.35
C HIS B 130 -13.66 18.74 -61.80
N ALA B 131 -13.03 17.93 -60.95
CA ALA B 131 -11.74 18.26 -60.37
C ALA B 131 -11.01 16.98 -59.99
N GLY B 132 -9.77 16.84 -60.47
CA GLY B 132 -8.97 15.67 -60.13
C GLY B 132 -9.43 14.37 -60.75
N LEU B 133 -9.26 14.24 -62.07
CA LEU B 133 -9.69 13.03 -62.77
C LEU B 133 -8.75 11.87 -62.44
N ARG B 134 -8.97 11.27 -61.26
CA ARG B 134 -8.19 10.17 -60.72
C ARG B 134 -8.94 9.61 -59.52
N GLU B 135 -9.04 8.29 -59.42
CA GLU B 135 -9.67 7.65 -58.28
C GLU B 135 -8.57 7.19 -57.33
N ALA B 136 -8.31 7.97 -56.28
CA ALA B 136 -7.44 7.51 -55.22
C ALA B 136 -8.15 6.51 -54.31
N GLY B 137 -9.44 6.73 -54.05
CA GLY B 137 -10.20 5.79 -53.26
C GLY B 137 -11.52 6.37 -52.82
N ARG B 138 -12.31 5.49 -52.22
CA ARG B 138 -13.63 5.84 -51.70
C ARG B 138 -13.71 5.43 -50.23
N ILE B 139 -14.47 6.23 -49.48
CA ILE B 139 -14.68 6.01 -48.05
C ILE B 139 -16.18 6.10 -47.81
N PHE B 140 -16.74 5.12 -47.10
CA PHE B 140 -18.15 5.10 -46.75
C PHE B 140 -18.27 5.10 -45.23
N TYR B 141 -19.15 5.94 -44.70
CA TYR B 141 -19.39 6.02 -43.27
C TYR B 141 -20.84 5.67 -42.98
N PHE B 142 -21.04 4.69 -42.10
CA PHE B 142 -22.37 4.20 -41.75
C PHE B 142 -22.82 4.80 -40.43
N SER B 143 -24.04 5.34 -40.41
CA SER B 143 -24.63 5.83 -39.18
C SER B 143 -26.11 5.47 -39.06
N VAL B 144 -26.61 4.57 -39.91
CA VAL B 144 -28.02 4.19 -39.94
C VAL B 144 -28.27 3.15 -38.84
N PRO B 145 -29.52 2.91 -38.43
CA PRO B 145 -29.79 1.83 -37.50
C PRO B 145 -29.42 0.48 -38.10
N PRO B 146 -29.05 -0.51 -37.26
CA PRO B 146 -28.38 -1.72 -37.77
C PRO B 146 -29.24 -2.62 -38.64
N PHE B 147 -30.57 -2.58 -38.53
CA PHE B 147 -31.41 -3.54 -39.26
C PHE B 147 -31.40 -3.33 -40.77
N ALA B 148 -30.92 -2.18 -41.25
CA ALA B 148 -30.74 -1.94 -42.68
C ALA B 148 -29.27 -1.99 -43.08
N TYR B 149 -28.42 -2.63 -42.28
CA TYR B 149 -26.99 -2.71 -42.60
C TYR B 149 -26.67 -3.62 -43.77
N GLU B 150 -27.59 -4.52 -44.15
CA GLU B 150 -27.24 -5.53 -45.15
C GLU B 150 -27.35 -4.98 -46.58
N ASP B 151 -28.58 -4.60 -46.97
CA ASP B 151 -28.91 -4.39 -48.39
C ASP B 151 -28.16 -3.19 -48.97
N ILE B 152 -28.09 -2.08 -48.22
CA ILE B 152 -27.34 -0.91 -48.66
C ILE B 152 -25.88 -1.26 -48.86
N ALA B 153 -25.34 -2.17 -48.04
CA ALA B 153 -23.97 -2.63 -48.17
C ALA B 153 -23.73 -3.28 -49.53
N ARG B 154 -24.66 -4.16 -49.98
CA ARG B 154 -24.41 -4.75 -51.28
C ARG B 154 -24.75 -3.78 -52.40
N ASN B 155 -25.52 -2.73 -52.10
CA ASN B 155 -25.68 -1.65 -53.06
C ASN B 155 -24.38 -0.89 -53.26
N ILE B 156 -23.51 -0.89 -52.23
CA ILE B 156 -22.14 -0.43 -52.45
C ILE B 156 -21.35 -1.48 -53.21
N ASN B 157 -21.60 -2.76 -52.91
CA ASN B 157 -20.75 -3.82 -53.43
C ASN B 157 -21.02 -4.11 -54.90
N SER B 158 -22.27 -3.98 -55.35
CA SER B 158 -22.61 -4.32 -56.72
C SER B 158 -22.13 -3.25 -57.72
N SER B 159 -22.31 -1.97 -57.39
CA SER B 159 -22.13 -0.93 -58.40
C SER B 159 -21.18 0.19 -57.96
N CYS B 160 -21.15 0.50 -56.66
CA CYS B 160 -20.41 1.66 -56.16
C CYS B 160 -18.95 1.35 -55.85
N ARG B 161 -18.38 0.32 -56.47
CA ARG B 161 -16.97 0.01 -56.26
C ARG B 161 -16.10 1.07 -56.95
N PRO B 162 -14.90 1.34 -56.43
CA PRO B 162 -14.02 2.31 -57.08
C PRO B 162 -13.28 1.71 -58.26
N GLY B 163 -12.33 2.47 -58.82
CA GLY B 163 -11.56 2.04 -59.95
C GLY B 163 -10.53 0.98 -59.63
N PRO B 164 -9.63 0.69 -60.61
CA PRO B 164 -8.69 -0.42 -60.44
C PRO B 164 -7.65 -0.21 -59.35
N GLY B 165 -6.92 0.91 -59.41
CA GLY B 165 -5.89 1.16 -58.43
C GLY B 165 -6.37 1.77 -57.13
N ALA B 166 -7.64 2.13 -57.05
CA ALA B 166 -8.19 2.77 -55.86
C ALA B 166 -8.48 1.74 -54.78
N TRP B 167 -8.72 2.24 -53.58
CA TRP B 167 -9.12 1.41 -52.44
C TRP B 167 -10.52 1.78 -51.98
N LEU B 168 -11.11 0.91 -51.18
CA LEU B 168 -12.42 1.12 -50.60
C LEU B 168 -12.32 0.97 -49.10
N ARG B 169 -12.89 1.92 -48.36
CA ARG B 169 -12.92 1.87 -46.90
C ARG B 169 -14.37 1.94 -46.46
N VAL B 170 -14.75 1.06 -45.53
CA VAL B 170 -16.10 1.06 -44.95
C VAL B 170 -15.95 1.21 -43.45
N VAL B 171 -16.69 2.15 -42.87
CA VAL B 171 -16.64 2.42 -41.44
C VAL B 171 -18.01 2.14 -40.84
N LEU B 172 -18.04 1.34 -39.77
CA LEU B 172 -19.27 0.98 -39.09
C LEU B 172 -19.26 1.53 -37.67
N GLU B 173 -20.45 1.64 -37.08
CA GLU B 173 -20.61 2.23 -35.77
C GLU B 173 -20.21 1.25 -34.66
N LYS B 174 -20.45 1.66 -33.42
CA LYS B 174 -19.95 0.90 -32.27
C LYS B 174 -20.74 -0.36 -31.93
N PRO B 175 -22.13 -0.42 -32.03
CA PRO B 175 -22.79 -1.72 -31.81
C PRO B 175 -22.37 -2.84 -32.74
N PHE B 176 -22.01 -3.98 -32.16
CA PHE B 176 -21.66 -5.20 -32.90
C PHE B 176 -22.41 -6.37 -32.28
N GLY B 177 -23.71 -6.19 -32.05
CA GLY B 177 -24.51 -7.24 -31.44
C GLY B 177 -24.40 -7.24 -29.93
N HIS B 178 -25.10 -8.20 -29.32
CA HIS B 178 -25.21 -8.26 -27.86
C HIS B 178 -24.48 -9.42 -27.22
N ASP B 179 -23.94 -10.36 -28.00
CA ASP B 179 -23.15 -11.47 -27.47
C ASP B 179 -22.18 -11.91 -28.55
N HIS B 180 -21.55 -13.07 -28.33
CA HIS B 180 -20.68 -13.63 -29.37
C HIS B 180 -21.49 -14.19 -30.53
N PHE B 181 -22.73 -14.61 -30.25
CA PHE B 181 -23.62 -15.15 -31.27
C PHE B 181 -23.97 -14.07 -32.29
N SER B 182 -24.44 -12.92 -31.82
CA SER B 182 -24.80 -11.83 -32.72
C SER B 182 -23.58 -11.20 -33.39
N ALA B 183 -22.46 -11.12 -32.67
CA ALA B 183 -21.24 -10.58 -33.27
C ALA B 183 -20.72 -11.49 -34.37
N GLN B 184 -20.75 -12.80 -34.16
CA GLN B 184 -20.33 -13.74 -35.19
C GLN B 184 -21.27 -13.70 -36.39
N GLN B 185 -22.58 -13.60 -36.14
CA GLN B 185 -23.56 -13.53 -37.22
C GLN B 185 -23.38 -12.25 -38.05
N LEU B 186 -23.17 -11.12 -37.39
CA LEU B 186 -23.02 -9.85 -38.11
C LEU B 186 -21.70 -9.80 -38.87
N ALA B 187 -20.61 -10.32 -38.27
CA ALA B 187 -19.32 -10.34 -38.94
C ALA B 187 -19.35 -11.26 -40.15
N THR B 188 -20.03 -12.41 -40.05
CA THR B 188 -20.12 -13.30 -41.20
C THR B 188 -21.08 -12.77 -42.25
N GLU B 189 -22.10 -12.01 -41.84
CA GLU B 189 -23.00 -11.39 -42.81
C GLU B 189 -22.29 -10.30 -43.59
N LEU B 190 -21.47 -9.49 -42.93
CA LEU B 190 -20.78 -8.41 -43.61
C LEU B 190 -19.44 -8.82 -44.21
N GLY B 191 -18.96 -10.03 -43.94
CA GLY B 191 -17.72 -10.48 -44.53
C GLY B 191 -17.83 -10.91 -45.98
N THR B 192 -19.04 -11.08 -46.48
CA THR B 192 -19.23 -11.44 -47.88
C THR B 192 -18.93 -10.26 -48.80
N PHE B 193 -19.46 -9.08 -48.46
CA PHE B 193 -19.36 -7.91 -49.32
C PHE B 193 -17.95 -7.31 -49.30
N PHE B 194 -17.36 -7.19 -48.12
CA PHE B 194 -16.08 -6.51 -47.95
C PHE B 194 -15.10 -7.42 -47.22
N GLN B 195 -13.82 -7.16 -47.44
CA GLN B 195 -12.75 -7.95 -46.84
C GLN B 195 -12.36 -7.37 -45.48
N GLU B 196 -11.47 -8.07 -44.77
CA GLU B 196 -10.94 -7.54 -43.51
C GLU B 196 -10.01 -6.36 -43.77
N GLU B 197 -9.23 -6.42 -44.83
CA GLU B 197 -8.29 -5.36 -45.18
C GLU B 197 -8.99 -4.05 -45.56
N GLU B 198 -10.24 -4.12 -45.99
CA GLU B 198 -10.98 -2.95 -46.43
C GLU B 198 -12.11 -2.56 -45.48
N MET B 199 -12.15 -3.09 -44.26
CA MET B 199 -13.21 -2.80 -43.32
C MET B 199 -12.63 -2.14 -42.07
N TYR B 200 -13.25 -1.04 -41.64
CA TYR B 200 -12.79 -0.27 -40.49
C TYR B 200 -13.91 -0.21 -39.46
N ARG B 201 -13.56 -0.39 -38.20
CA ARG B 201 -14.51 -0.34 -37.09
C ARG B 201 -14.00 0.66 -36.06
N VAL B 202 -14.90 1.48 -35.53
CA VAL B 202 -14.52 2.54 -34.59
C VAL B 202 -15.35 2.36 -33.32
N ASP B 203 -14.69 2.51 -32.16
CA ASP B 203 -15.40 2.77 -30.92
C ASP B 203 -15.23 4.23 -30.54
N HIS B 204 -16.05 4.68 -29.59
CA HIS B 204 -16.09 6.09 -29.24
C HIS B 204 -14.82 6.53 -28.52
N TYR B 205 -14.39 5.77 -27.52
CA TYR B 205 -13.25 6.21 -26.71
C TYR B 205 -11.94 5.54 -27.03
N LEU B 206 -11.62 5.44 -28.32
CA LEU B 206 -10.33 4.91 -28.68
C LEU B 206 -9.62 6.07 -29.31
N GLY B 207 -10.35 7.18 -29.47
CA GLY B 207 -9.75 8.36 -30.07
C GLY B 207 -9.04 9.26 -29.08
N LYS B 208 -9.06 8.91 -27.80
CA LYS B 208 -8.45 9.78 -26.79
C LYS B 208 -6.93 9.75 -26.90
N GLN B 209 -6.30 10.91 -26.67
CA GLN B 209 -4.89 11.05 -27.01
C GLN B 209 -3.99 10.35 -26.00
N ALA B 210 -4.35 10.35 -24.72
CA ALA B 210 -3.56 9.61 -23.75
C ALA B 210 -3.79 8.11 -23.86
N VAL B 211 -4.99 7.69 -24.31
CA VAL B 211 -5.23 6.31 -24.68
C VAL B 211 -4.31 5.91 -25.83
N ALA B 212 -4.13 6.80 -26.79
CA ALA B 212 -3.16 6.56 -27.86
C ALA B 212 -1.72 6.82 -27.43
N GLN B 213 -1.46 7.02 -26.14
CA GLN B 213 -0.13 7.35 -25.65
C GLN B 213 0.47 6.28 -24.74
N ILE B 214 -0.24 5.20 -24.46
CA ILE B 214 0.31 4.17 -23.57
C ILE B 214 1.44 3.41 -24.25
N LEU B 215 1.17 2.87 -25.44
CA LEU B 215 2.24 2.22 -26.20
C LEU B 215 3.38 3.15 -26.61
N PRO B 216 3.17 4.40 -27.06
CA PRO B 216 4.33 5.29 -27.23
C PRO B 216 5.11 5.57 -25.97
N PHE B 217 4.44 5.63 -24.81
CA PHE B 217 5.16 5.82 -23.54
C PHE B 217 6.02 4.61 -23.22
N ARG B 218 5.46 3.40 -23.35
CA ARG B 218 6.24 2.19 -23.10
C ARG B 218 7.31 1.98 -24.16
N ASP B 219 7.12 2.52 -25.37
CA ASP B 219 8.15 2.45 -26.40
C ASP B 219 9.31 3.40 -26.10
N GLN B 220 9.01 4.61 -25.62
CA GLN B 220 10.08 5.59 -25.38
C GLN B 220 10.87 5.24 -24.13
N ASN B 221 10.20 4.82 -23.06
CA ASN B 221 10.89 4.46 -21.81
C ASN B 221 11.29 2.99 -21.85
N ARG B 222 12.25 2.69 -22.72
CA ARG B 222 12.70 1.31 -22.87
C ARG B 222 13.68 0.91 -21.78
N LYS B 223 14.66 1.78 -21.49
CA LYS B 223 15.64 1.46 -20.47
C LYS B 223 15.07 1.60 -19.07
N ALA B 224 14.10 2.51 -18.89
CA ALA B 224 13.60 2.82 -17.57
C ALA B 224 12.48 1.90 -17.10
N LEU B 225 11.56 1.52 -18.00
CA LEU B 225 10.36 0.82 -17.61
C LEU B 225 10.39 -0.68 -17.90
N ASP B 226 11.48 -1.21 -18.45
CA ASP B 226 11.53 -2.64 -18.74
C ASP B 226 11.73 -3.47 -17.47
N GLY B 227 12.40 -2.92 -16.47
CA GLY B 227 12.61 -3.61 -15.22
C GLY B 227 11.50 -3.43 -14.21
N LEU B 228 10.39 -2.80 -14.60
CA LEU B 228 9.30 -2.54 -13.68
C LEU B 228 7.97 -3.13 -14.10
N TRP B 229 7.82 -3.59 -15.35
CA TRP B 229 6.60 -4.27 -15.78
C TRP B 229 6.68 -5.75 -15.41
N ASN B 230 6.56 -6.00 -14.10
CA ASN B 230 6.64 -7.33 -13.53
C ASN B 230 5.47 -7.56 -12.59
N ARG B 231 5.43 -8.77 -12.01
CA ARG B 231 4.66 -9.02 -10.81
C ARG B 231 5.37 -8.52 -9.57
N HIS B 232 6.67 -8.31 -9.68
CA HIS B 232 7.52 -7.96 -8.55
C HIS B 232 7.37 -6.51 -8.10
N HIS B 233 6.69 -5.67 -8.88
CA HIS B 233 6.59 -4.25 -8.56
C HIS B 233 5.18 -3.67 -8.65
N VAL B 234 4.27 -4.26 -9.42
CA VAL B 234 2.93 -3.70 -9.61
C VAL B 234 2.00 -4.28 -8.56
N GLU B 235 1.27 -3.42 -7.86
CA GLU B 235 0.30 -3.88 -6.88
C GLU B 235 -1.07 -4.12 -7.51
N ARG B 236 -1.61 -3.10 -8.19
CA ARG B 236 -2.93 -3.19 -8.78
C ARG B 236 -2.97 -2.31 -10.02
N VAL B 237 -3.94 -2.59 -10.90
CA VAL B 237 -4.18 -1.73 -12.06
C VAL B 237 -5.67 -1.40 -12.09
N GLU B 238 -5.98 -0.11 -12.08
CA GLU B 238 -7.36 0.36 -12.09
C GLU B 238 -7.65 1.07 -13.41
N ILE B 239 -8.84 0.83 -13.95
CA ILE B 239 -9.34 1.53 -15.14
C ILE B 239 -10.79 1.91 -14.87
N ILE B 240 -11.04 3.22 -14.76
CA ILE B 240 -12.32 3.75 -14.29
C ILE B 240 -12.86 4.68 -15.37
N MET B 241 -14.16 4.59 -15.63
CA MET B 241 -14.87 5.60 -16.43
C MET B 241 -16.18 5.93 -15.72
N LYS B 242 -16.13 6.95 -14.88
CA LYS B 242 -17.27 7.36 -14.09
C LYS B 242 -18.04 8.46 -14.79
N GLU B 243 -19.37 8.42 -14.66
CA GLU B 243 -20.24 9.42 -15.27
C GLU B 243 -21.22 9.93 -14.22
N THR B 244 -21.70 11.15 -14.44
CA THR B 244 -22.70 11.76 -13.57
C THR B 244 -24.05 11.94 -14.23
N VAL B 245 -24.16 11.72 -15.53
CA VAL B 245 -25.40 11.94 -16.26
C VAL B 245 -26.08 10.59 -16.51
N ASP B 246 -27.35 10.50 -16.11
CA ASP B 246 -28.15 9.32 -16.36
C ASP B 246 -28.74 9.40 -17.76
N ALA B 247 -28.92 8.25 -18.39
CA ALA B 247 -29.50 8.20 -19.72
C ALA B 247 -31.00 8.45 -19.62
N GLU B 248 -31.45 9.61 -20.07
CA GLU B 248 -32.86 9.99 -19.97
C GLU B 248 -33.62 9.56 -21.22
N GLY B 249 -33.21 10.06 -22.39
CA GLY B 249 -33.79 9.62 -23.64
C GLY B 249 -33.05 8.51 -24.33
N ARG B 250 -31.91 8.11 -23.79
CA ARG B 250 -31.10 7.04 -24.36
C ARG B 250 -31.37 5.68 -23.73
N THR B 251 -32.32 5.61 -22.79
CA THR B 251 -32.54 4.37 -22.04
C THR B 251 -33.27 3.30 -22.83
N SER B 252 -33.95 3.65 -23.93
CA SER B 252 -34.47 2.62 -24.82
C SER B 252 -33.33 1.86 -25.49
N PHE B 253 -32.29 2.57 -25.91
CA PHE B 253 -31.09 1.91 -26.42
C PHE B 253 -30.30 1.25 -25.29
N TYR B 254 -30.32 1.85 -24.09
CA TYR B 254 -29.49 1.38 -22.99
C TYR B 254 -30.00 0.09 -22.36
N GLU B 255 -31.32 -0.14 -22.40
CA GLU B 255 -31.92 -1.24 -21.63
C GLU B 255 -31.49 -2.60 -22.16
N GLU B 256 -31.46 -2.76 -23.48
CA GLU B 256 -31.03 -4.03 -24.05
C GLU B 256 -29.51 -4.14 -24.19
N TYR B 257 -28.76 -3.09 -23.83
CA TYR B 257 -27.32 -3.11 -24.03
C TYR B 257 -26.55 -3.19 -22.72
N GLY B 258 -26.76 -2.24 -21.80
CA GLY B 258 -26.16 -2.34 -20.49
C GLY B 258 -24.73 -1.84 -20.45
N VAL B 259 -24.33 -1.46 -19.22
CA VAL B 259 -23.07 -0.75 -18.97
C VAL B 259 -21.87 -1.62 -19.32
N ILE B 260 -21.98 -2.93 -19.14
CA ILE B 260 -20.90 -3.85 -19.49
C ILE B 260 -20.67 -3.86 -21.00
N ARG B 261 -21.74 -3.90 -21.78
CA ARG B 261 -21.57 -3.96 -23.23
C ARG B 261 -21.19 -2.60 -23.83
N ASP B 262 -21.62 -1.48 -23.24
CA ASP B 262 -21.36 -0.22 -23.94
C ASP B 262 -20.01 0.41 -23.64
N VAL B 263 -19.40 0.14 -22.48
CA VAL B 263 -18.07 0.71 -22.22
C VAL B 263 -17.08 -0.40 -21.81
N LEU B 264 -17.52 -1.31 -20.93
CA LEU B 264 -16.60 -2.32 -20.38
C LEU B 264 -16.17 -3.33 -21.44
N GLN B 265 -17.08 -3.68 -22.34
CA GLN B 265 -16.79 -4.67 -23.37
C GLN B 265 -15.81 -4.12 -24.42
N ASN B 266 -15.92 -2.84 -24.75
CA ASN B 266 -15.26 -2.29 -25.93
C ASN B 266 -14.18 -1.26 -25.64
N HIS B 267 -14.39 -0.36 -24.67
CA HIS B 267 -13.39 0.66 -24.41
C HIS B 267 -12.40 0.24 -23.32
N LEU B 268 -12.91 -0.17 -22.16
CA LEU B 268 -12.06 -0.54 -21.04
C LEU B 268 -11.26 -1.81 -21.34
N THR B 269 -11.87 -2.75 -22.06
CA THR B 269 -11.15 -3.93 -22.52
C THR B 269 -10.01 -3.55 -23.46
N GLU B 270 -10.27 -2.60 -24.36
CA GLU B 270 -9.25 -2.20 -25.31
C GLU B 270 -8.09 -1.51 -24.60
N VAL B 271 -8.37 -0.59 -23.69
CA VAL B 271 -7.27 0.04 -22.95
C VAL B 271 -6.51 -1.01 -22.13
N LEU B 272 -7.24 -1.95 -21.53
CA LEU B 272 -6.59 -2.99 -20.77
C LEU B 272 -5.59 -3.69 -21.65
N THR B 273 -6.03 -4.09 -22.84
CA THR B 273 -5.14 -4.78 -23.73
C THR B 273 -3.98 -3.88 -24.12
N LEU B 274 -4.24 -2.58 -24.19
CA LEU B 274 -3.19 -1.63 -24.57
C LEU B 274 -2.09 -1.59 -23.53
N VAL B 275 -2.47 -1.64 -22.26
CA VAL B 275 -1.48 -1.53 -21.19
C VAL B 275 -0.88 -2.87 -20.82
N ALA B 276 -1.54 -3.97 -21.18
CA ALA B 276 -1.07 -5.29 -20.77
C ALA B 276 -0.25 -6.03 -21.83
N MET B 277 -0.26 -5.58 -23.08
CA MET B 277 0.40 -6.33 -24.15
C MET B 277 1.91 -6.15 -24.12
N GLU B 278 2.64 -7.24 -24.40
CA GLU B 278 4.09 -7.16 -24.47
C GLU B 278 4.50 -6.42 -25.73
N LEU B 279 5.35 -5.42 -25.57
CA LEU B 279 5.59 -4.48 -26.65
C LEU B 279 6.47 -5.11 -27.73
N PRO B 280 6.21 -4.81 -29.01
CA PRO B 280 6.97 -5.45 -30.09
C PRO B 280 8.37 -4.88 -30.27
N HIS B 281 9.04 -5.31 -31.33
CA HIS B 281 10.33 -4.72 -31.69
C HIS B 281 10.19 -3.27 -32.08
N ASN B 282 9.11 -2.93 -32.80
CA ASN B 282 8.76 -1.54 -33.05
C ASN B 282 7.25 -1.45 -33.28
N VAL B 283 6.66 -0.36 -32.79
CA VAL B 283 5.24 -0.11 -33.00
C VAL B 283 4.97 0.39 -34.42
N SER B 284 6.00 0.92 -35.09
CA SER B 284 5.85 1.44 -36.44
C SER B 284 5.63 0.35 -37.47
N SER B 285 5.93 -0.92 -37.14
CA SER B 285 5.64 -2.02 -38.05
C SER B 285 4.14 -2.23 -38.24
N ALA B 286 3.34 -1.85 -37.24
CA ALA B 286 1.88 -1.77 -37.27
C ALA B 286 1.21 -3.12 -37.50
N GLU B 287 1.94 -4.21 -37.37
CA GLU B 287 1.43 -5.56 -37.58
C GLU B 287 1.62 -6.46 -36.38
N ALA B 288 2.76 -6.36 -35.70
CA ALA B 288 2.96 -7.11 -34.46
C ALA B 288 2.12 -6.55 -33.33
N VAL B 289 1.67 -5.30 -33.44
CA VAL B 289 0.72 -4.74 -32.48
C VAL B 289 -0.60 -5.49 -32.54
N LEU B 290 -1.02 -5.88 -33.75
CA LEU B 290 -2.29 -6.58 -33.92
C LEU B 290 -2.23 -7.99 -33.35
N ARG B 291 -1.09 -8.67 -33.48
CA ARG B 291 -0.99 -10.04 -33.00
C ARG B 291 -0.57 -10.14 -31.54
N HIS B 292 0.12 -9.13 -31.00
CA HIS B 292 0.50 -9.15 -29.59
C HIS B 292 -0.68 -8.82 -28.69
N LYS B 293 -1.75 -8.26 -29.24
CA LYS B 293 -2.96 -8.00 -28.48
C LYS B 293 -3.75 -9.26 -28.19
N LEU B 294 -3.67 -10.26 -29.07
CA LEU B 294 -4.39 -11.51 -28.87
C LEU B 294 -3.77 -12.40 -27.80
N GLN B 295 -2.48 -12.19 -27.51
CA GLN B 295 -1.82 -12.94 -26.44
C GLN B 295 -2.38 -12.57 -25.07
N VAL B 296 -2.91 -11.35 -24.92
CA VAL B 296 -3.60 -10.97 -23.70
C VAL B 296 -4.95 -11.66 -23.61
N PHE B 297 -5.60 -11.86 -24.76
CA PHE B 297 -6.92 -12.49 -24.76
C PHE B 297 -6.82 -13.98 -24.42
N GLN B 298 -5.86 -14.68 -25.04
CA GLN B 298 -5.74 -16.12 -24.80
C GLN B 298 -5.24 -16.44 -23.40
N ALA B 299 -4.60 -15.50 -22.73
CA ALA B 299 -4.10 -15.68 -21.38
C ALA B 299 -5.03 -15.14 -20.31
N LEU B 300 -6.14 -14.53 -20.69
CA LEU B 300 -7.10 -14.02 -19.72
C LEU B 300 -7.91 -15.18 -19.15
N ARG B 301 -7.91 -15.30 -17.82
CA ARG B 301 -8.66 -16.38 -17.21
C ARG B 301 -10.16 -16.08 -17.25
N GLY B 302 -10.96 -17.14 -17.06
CA GLY B 302 -12.39 -17.02 -17.27
C GLY B 302 -13.07 -16.18 -16.20
N LEU B 303 -14.23 -15.66 -16.57
CA LEU B 303 -14.98 -14.73 -15.73
C LEU B 303 -16.10 -15.50 -15.04
N GLN B 304 -16.12 -15.43 -13.73
CA GLN B 304 -17.18 -16.06 -12.92
C GLN B 304 -18.15 -14.99 -12.43
N ARG B 305 -19.27 -15.46 -11.86
CA ARG B 305 -20.29 -14.52 -11.39
C ARG B 305 -19.87 -13.77 -10.14
N GLY B 306 -18.84 -14.23 -9.45
CA GLY B 306 -18.28 -13.54 -8.31
C GLY B 306 -17.24 -12.50 -8.64
N SER B 307 -16.94 -12.30 -9.92
CA SER B 307 -15.95 -11.30 -10.33
C SER B 307 -16.56 -9.94 -10.59
N ALA B 308 -17.88 -9.79 -10.50
CA ALA B 308 -18.55 -8.58 -10.92
C ALA B 308 -19.56 -8.11 -9.88
N VAL B 309 -19.63 -6.80 -9.68
CA VAL B 309 -20.69 -6.18 -8.88
C VAL B 309 -21.48 -5.24 -9.79
N VAL B 310 -22.79 -5.15 -9.49
CA VAL B 310 -23.79 -4.61 -10.41
C VAL B 310 -24.76 -3.73 -9.63
N GLY B 311 -24.98 -2.51 -10.13
CA GLY B 311 -25.93 -1.61 -9.51
C GLY B 311 -26.67 -0.79 -10.55
N GLN B 312 -27.78 -0.20 -10.10
CA GLN B 312 -28.60 0.70 -10.92
C GLN B 312 -29.18 1.77 -10.02
N TYR B 313 -29.56 2.90 -10.60
CA TYR B 313 -30.15 3.95 -9.80
C TYR B 313 -31.65 3.78 -9.69
N GLN B 314 -32.25 4.52 -8.76
CA GLN B 314 -33.64 4.34 -8.38
C GLN B 314 -34.62 4.79 -9.46
N SER B 315 -34.22 5.70 -10.35
CA SER B 315 -35.12 6.25 -11.34
C SER B 315 -35.10 5.50 -12.67
N TYR B 316 -34.25 4.49 -12.82
CA TYR B 316 -34.15 3.77 -14.08
C TYR B 316 -35.40 2.93 -14.35
N SER B 317 -35.97 2.32 -13.32
CA SER B 317 -37.22 1.57 -13.48
C SER B 317 -38.36 2.48 -13.92
N GLU B 318 -38.45 3.66 -13.31
CA GLU B 318 -39.44 4.64 -13.73
C GLU B 318 -39.12 5.21 -15.10
N GLN B 319 -37.85 5.30 -15.46
CA GLN B 319 -37.47 5.81 -16.78
C GLN B 319 -37.87 4.85 -17.89
N VAL B 320 -37.63 3.55 -17.71
CA VAL B 320 -38.10 2.57 -18.69
C VAL B 320 -39.63 2.47 -18.67
N ARG B 321 -40.24 2.67 -17.49
CA ARG B 321 -41.70 2.67 -17.41
C ARG B 321 -42.32 3.84 -18.15
N ARG B 322 -41.65 4.98 -18.20
CA ARG B 322 -42.27 6.18 -18.77
C ARG B 322 -42.24 6.19 -20.29
N GLU B 323 -41.04 6.21 -20.89
CA GLU B 323 -40.96 6.39 -22.34
C GLU B 323 -41.34 5.11 -23.10
N LEU B 324 -40.85 3.96 -22.64
CA LEU B 324 -41.19 2.69 -23.27
C LEU B 324 -42.49 2.15 -22.66
N GLN B 325 -43.35 1.58 -23.50
CA GLN B 325 -44.64 1.10 -23.04
C GLN B 325 -44.49 -0.19 -22.25
N LYS B 326 -44.34 -0.06 -20.94
CA LYS B 326 -44.12 -1.17 -20.03
C LYS B 326 -45.16 -1.10 -18.91
N PRO B 327 -45.49 -2.24 -18.28
CA PRO B 327 -46.46 -2.21 -17.19
C PRO B 327 -45.91 -1.51 -15.95
N ASP B 328 -46.84 -1.11 -15.08
CA ASP B 328 -46.50 -0.34 -13.90
C ASP B 328 -45.75 -1.15 -12.86
N SER B 329 -45.85 -2.48 -12.90
CA SER B 329 -45.14 -3.34 -11.96
C SER B 329 -43.82 -3.84 -12.51
N PHE B 330 -43.40 -3.36 -13.69
CA PHE B 330 -42.15 -3.80 -14.28
C PHE B 330 -40.96 -3.21 -13.54
N HIS B 331 -40.02 -4.07 -13.18
CA HIS B 331 -38.77 -3.66 -12.55
C HIS B 331 -37.63 -4.20 -13.40
N SER B 332 -36.94 -3.32 -14.12
CA SER B 332 -35.87 -3.77 -15.00
C SER B 332 -34.69 -4.28 -14.21
N LEU B 333 -33.84 -5.08 -14.86
CA LEU B 333 -32.65 -5.58 -14.20
C LEU B 333 -31.42 -5.06 -14.90
N THR B 334 -31.63 -4.14 -15.82
CA THR B 334 -30.50 -3.59 -16.56
C THR B 334 -29.49 -2.95 -15.64
N PRO B 335 -28.19 -3.27 -15.82
CA PRO B 335 -27.14 -2.65 -15.03
C PRO B 335 -26.70 -1.30 -15.59
N THR B 336 -26.46 -0.36 -14.67
CA THR B 336 -25.88 0.94 -15.01
C THR B 336 -24.50 1.13 -14.42
N PHE B 337 -24.20 0.46 -13.31
CA PHE B 337 -22.90 0.52 -12.67
C PHE B 337 -22.36 -0.90 -12.60
N ALA B 338 -21.12 -1.09 -13.07
CA ALA B 338 -20.50 -2.40 -13.08
C ALA B 338 -19.04 -2.28 -12.72
N ALA B 339 -18.59 -3.15 -11.82
CA ALA B 339 -17.17 -3.28 -11.51
C ALA B 339 -16.76 -4.73 -11.65
N VAL B 340 -15.75 -4.99 -12.46
CA VAL B 340 -15.31 -6.36 -12.74
C VAL B 340 -13.84 -6.50 -12.42
N LEU B 341 -13.45 -7.73 -12.08
CA LEU B 341 -12.08 -8.08 -11.75
C LEU B 341 -11.52 -8.94 -12.85
N VAL B 342 -10.31 -8.61 -13.31
CA VAL B 342 -9.65 -9.29 -14.41
C VAL B 342 -8.30 -9.76 -13.91
N HIS B 343 -8.01 -11.04 -14.11
CA HIS B 343 -6.73 -11.64 -13.81
C HIS B 343 -6.16 -12.21 -15.11
N ILE B 344 -4.90 -11.91 -15.38
CA ILE B 344 -4.19 -12.59 -16.46
C ILE B 344 -3.17 -13.52 -15.80
N ASP B 345 -2.72 -14.52 -16.56
CA ASP B 345 -1.84 -15.57 -16.05
C ASP B 345 -0.64 -15.71 -16.97
N ASN B 346 0.38 -14.88 -16.72
CA ASN B 346 1.62 -14.97 -17.48
C ASN B 346 2.81 -14.98 -16.54
N LEU B 347 4.00 -14.86 -17.10
CA LEU B 347 5.20 -14.62 -16.32
C LEU B 347 5.35 -13.15 -15.93
N ARG B 348 4.39 -12.31 -16.31
CA ARG B 348 4.41 -10.89 -15.98
C ARG B 348 3.44 -10.52 -14.87
N TRP B 349 2.16 -10.85 -15.00
CA TRP B 349 1.14 -10.29 -14.12
C TRP B 349 0.16 -11.36 -13.64
N GLU B 350 0.69 -12.46 -13.10
CA GLU B 350 -0.14 -13.60 -12.72
C GLU B 350 -1.07 -13.28 -11.56
N GLY B 351 -0.58 -12.63 -10.52
CA GLY B 351 -1.37 -12.32 -9.35
C GLY B 351 -1.89 -10.90 -9.25
N VAL B 352 -1.51 -10.03 -10.18
CA VAL B 352 -1.89 -8.62 -10.13
C VAL B 352 -3.35 -8.48 -10.54
N PRO B 353 -4.18 -7.79 -9.75
CA PRO B 353 -5.57 -7.57 -10.15
C PRO B 353 -5.72 -6.38 -11.09
N PHE B 354 -6.75 -6.47 -11.94
CA PHE B 354 -7.11 -5.40 -12.87
C PHE B 354 -8.60 -5.10 -12.62
N ILE B 355 -8.90 -3.92 -12.10
CA ILE B 355 -10.26 -3.56 -11.74
C ILE B 355 -10.81 -2.61 -12.79
N LEU B 356 -11.88 -3.01 -13.47
CA LEU B 356 -12.53 -2.16 -14.47
C LEU B 356 -13.88 -1.70 -13.93
N MET B 357 -14.09 -0.39 -13.91
CA MET B 357 -15.30 0.15 -13.31
C MET B 357 -15.93 1.18 -14.23
N SER B 358 -17.26 1.18 -14.26
CA SER B 358 -17.99 2.27 -14.89
C SER B 358 -19.36 2.38 -14.24
N GLY B 359 -19.99 3.53 -14.43
CA GLY B 359 -21.26 3.77 -13.77
C GLY B 359 -21.91 5.04 -14.29
N LYS B 360 -23.15 5.21 -13.88
CA LYS B 360 -23.96 6.37 -14.22
C LYS B 360 -24.62 6.91 -12.98
N ALA B 361 -24.95 8.20 -13.01
CA ALA B 361 -25.50 8.96 -11.88
C ALA B 361 -24.60 8.88 -10.65
N LEU B 362 -23.29 8.96 -10.86
CA LEU B 362 -22.31 8.91 -9.78
C LEU B 362 -21.81 10.33 -9.49
N ASP B 363 -20.78 10.44 -8.66
CA ASP B 363 -20.45 11.74 -8.08
C ASP B 363 -19.57 12.59 -9.00
N GLU B 364 -18.45 12.05 -9.46
CA GLU B 364 -17.48 12.79 -10.26
C GLU B 364 -17.38 12.17 -11.64
N ARG B 365 -17.52 12.98 -12.68
CA ARG B 365 -17.46 12.51 -14.05
C ARG B 365 -16.00 12.39 -14.45
N VAL B 366 -15.36 11.30 -14.08
CA VAL B 366 -13.93 11.14 -14.28
C VAL B 366 -13.67 9.98 -15.23
N GLY B 367 -12.52 10.01 -15.89
CA GLY B 367 -12.06 8.89 -16.67
C GLY B 367 -10.55 8.84 -16.76
N TYR B 368 -9.96 7.70 -16.40
CA TYR B 368 -8.51 7.55 -16.30
C TYR B 368 -8.16 6.07 -16.26
N ALA B 369 -6.87 5.80 -16.25
CA ALA B 369 -6.34 4.45 -16.05
C ALA B 369 -5.16 4.56 -15.10
N ARG B 370 -5.31 4.01 -13.90
CA ARG B 370 -4.35 4.20 -12.81
C ARG B 370 -3.56 2.91 -12.57
N ILE B 371 -2.23 3.05 -12.52
CA ILE B 371 -1.33 1.95 -12.19
C ILE B 371 -0.68 2.26 -10.86
N LEU B 372 -0.78 1.33 -9.91
CA LEU B 372 -0.26 1.53 -8.56
C LEU B 372 0.83 0.51 -8.28
N PHE B 373 1.90 0.95 -7.66
CA PHE B 373 3.01 0.10 -7.28
C PHE B 373 2.96 -0.16 -5.79
N LYS B 374 3.33 -1.36 -5.37
CA LYS B 374 3.26 -1.72 -3.96
C LYS B 374 4.39 -1.05 -3.18
N ASN B 375 4.14 -0.85 -1.88
CA ASN B 375 5.11 -0.19 -1.01
C ASN B 375 6.28 -1.12 -0.73
N GLN B 376 7.49 -0.69 -1.10
CA GLN B 376 8.67 -1.52 -1.06
C GLN B 376 9.74 -0.99 -0.10
N ALA B 377 9.74 0.29 0.20
CA ALA B 377 10.80 0.91 0.99
C ALA B 377 10.43 1.06 2.46
N CYS B 378 11.46 1.22 3.27
CA CYS B 378 11.34 1.75 4.63
C CYS B 378 12.31 2.92 4.73
N CYS B 379 11.83 4.05 5.24
CA CYS B 379 12.59 5.29 5.25
C CYS B 379 12.98 5.66 6.66
N VAL B 380 14.28 5.83 6.89
CA VAL B 380 14.80 6.16 8.21
C VAL B 380 14.45 7.59 8.59
N GLN B 381 14.56 8.52 7.65
CA GLN B 381 14.30 9.93 7.95
C GLN B 381 12.81 10.17 8.16
N SER B 382 12.52 11.31 8.79
CA SER B 382 11.17 11.60 9.27
C SER B 382 10.22 11.87 8.10
N GLU B 383 8.92 11.74 8.40
CA GLU B 383 7.88 12.01 7.40
C GLU B 383 7.79 13.48 7.05
N LYS B 384 8.27 14.36 7.93
CA LYS B 384 8.26 15.80 7.68
C LYS B 384 9.40 16.25 6.79
N HIS B 385 10.32 15.35 6.42
CA HIS B 385 11.47 15.70 5.60
C HIS B 385 11.53 14.83 4.34
N TRP B 386 10.39 14.34 3.88
CA TRP B 386 10.34 13.43 2.74
C TRP B 386 10.19 14.26 1.47
N ALA B 387 11.21 14.21 0.61
CA ALA B 387 11.13 14.89 -0.66
C ALA B 387 10.20 14.16 -1.62
N ALA B 388 9.49 14.93 -2.45
CA ALA B 388 8.60 14.33 -3.43
C ALA B 388 9.36 13.66 -4.57
N ALA B 389 10.61 14.03 -4.78
CA ALA B 389 11.39 13.52 -5.90
C ALA B 389 12.43 12.49 -5.50
N GLN B 390 12.55 12.15 -4.22
CA GLN B 390 13.57 11.19 -3.80
C GLN B 390 13.10 10.13 -2.81
N SER B 391 12.06 10.36 -2.04
CA SER B 391 11.67 9.42 -0.98
C SER B 391 10.72 8.38 -1.55
N GLN B 392 11.14 7.11 -1.48
CA GLN B 392 10.36 6.01 -2.04
C GLN B 392 9.18 5.61 -1.15
N CYS B 393 9.08 6.14 0.07
CA CYS B 393 7.95 5.83 0.92
C CYS B 393 6.68 6.55 0.51
N LEU B 394 6.81 7.64 -0.25
CA LEU B 394 5.65 8.21 -0.91
C LEU B 394 5.18 7.27 -2.01
N PRO B 395 3.88 7.25 -2.31
CA PRO B 395 3.36 6.33 -3.33
C PRO B 395 3.92 6.60 -4.72
N ARG B 396 4.22 5.52 -5.44
CA ARG B 396 4.67 5.58 -6.81
C ARG B 396 3.51 5.22 -7.73
N GLN B 397 3.34 5.99 -8.81
CA GLN B 397 2.17 5.85 -9.67
C GLN B 397 2.57 6.16 -11.11
N LEU B 398 1.72 5.73 -12.03
CA LEU B 398 1.87 6.05 -13.45
C LEU B 398 0.45 6.10 -14.00
N VAL B 399 -0.09 7.31 -14.13
CA VAL B 399 -1.51 7.52 -14.40
C VAL B 399 -1.67 8.07 -15.81
N PHE B 400 -2.63 7.53 -16.55
CA PHE B 400 -3.09 8.07 -17.83
C PHE B 400 -4.49 8.61 -17.60
N HIS B 401 -4.59 9.91 -17.33
CA HIS B 401 -5.87 10.58 -17.18
C HIS B 401 -6.35 11.00 -18.57
N ILE B 402 -7.62 10.73 -18.87
CA ILE B 402 -8.10 11.01 -20.22
C ILE B 402 -9.29 11.96 -20.22
N GLY B 403 -10.07 12.01 -19.13
CA GLY B 403 -11.27 12.80 -19.24
C GLY B 403 -11.90 13.40 -17.99
N HIS B 404 -12.08 14.73 -18.04
CA HIS B 404 -13.11 15.45 -17.28
C HIS B 404 -12.92 15.38 -15.77
N GLY B 405 -11.70 15.15 -15.29
CA GLY B 405 -11.44 15.07 -13.87
C GLY B 405 -11.40 16.42 -13.20
N ASP B 406 -10.59 16.53 -12.16
CA ASP B 406 -10.28 17.85 -11.62
C ASP B 406 -9.28 18.59 -12.49
N LEU B 407 -8.59 17.89 -13.38
CA LEU B 407 -7.72 18.53 -14.34
C LEU B 407 -8.49 19.02 -15.56
N GLY B 408 -9.43 18.21 -16.05
CA GLY B 408 -10.21 18.56 -17.21
C GLY B 408 -9.53 18.33 -18.55
N SER B 409 -8.31 17.83 -18.55
CA SER B 409 -7.49 17.67 -19.74
C SER B 409 -6.81 16.30 -19.69
N PRO B 410 -6.40 15.76 -20.85
CA PRO B 410 -5.58 14.54 -20.84
C PRO B 410 -4.23 14.78 -20.19
N ALA B 411 -3.74 13.77 -19.48
CA ALA B 411 -2.50 13.91 -18.72
C ALA B 411 -1.82 12.57 -18.57
N VAL B 412 -0.48 12.62 -18.55
CA VAL B 412 0.37 11.47 -18.25
C VAL B 412 1.15 11.84 -16.99
N LEU B 413 0.72 11.33 -15.84
CA LEU B 413 1.29 11.67 -14.55
C LEU B 413 2.27 10.58 -14.12
N VAL B 414 3.52 10.96 -13.95
CA VAL B 414 4.58 10.08 -13.45
C VAL B 414 5.13 10.68 -12.17
N SER B 415 5.12 9.90 -11.09
CA SER B 415 5.68 10.38 -9.83
C SER B 415 7.19 10.55 -9.94
N ARG B 416 7.70 11.60 -9.30
CA ARG B 416 9.07 12.04 -9.53
C ARG B 416 10.11 11.10 -8.94
N ASN B 417 9.72 10.30 -7.94
CA ASN B 417 10.67 9.39 -7.32
C ASN B 417 11.00 8.21 -8.22
N LEU B 418 10.08 7.83 -9.11
CA LEU B 418 10.29 6.72 -10.03
C LEU B 418 11.41 7.00 -11.03
N PHE B 419 11.18 7.94 -11.93
CA PHE B 419 12.07 8.24 -13.05
C PHE B 419 11.52 9.47 -13.76
N ARG B 420 12.37 10.08 -14.59
CA ARG B 420 12.00 11.27 -15.34
C ARG B 420 11.39 10.87 -16.67
N PRO B 421 10.10 11.10 -16.90
CA PRO B 421 9.47 10.63 -18.14
C PRO B 421 9.92 11.43 -19.36
N SER B 422 9.85 10.77 -20.51
CA SER B 422 10.34 11.32 -21.78
C SER B 422 9.24 11.19 -22.83
N LEU B 423 8.47 12.25 -23.00
CA LEU B 423 7.38 12.39 -23.95
C LEU B 423 7.81 13.22 -25.15
N PRO B 424 7.21 13.02 -26.34
CA PRO B 424 7.66 13.77 -27.53
C PRO B 424 7.23 15.23 -27.56
N SER B 425 7.51 15.89 -28.68
CA SER B 425 7.31 17.33 -28.81
C SER B 425 5.83 17.73 -28.80
N SER B 426 4.92 16.80 -29.07
CA SER B 426 3.49 17.13 -29.02
C SER B 426 2.97 17.25 -27.60
N TRP B 427 3.69 16.72 -26.61
CA TRP B 427 3.29 16.80 -25.22
C TRP B 427 4.26 17.73 -24.49
N LYS B 428 3.70 18.69 -23.76
CA LYS B 428 4.47 19.66 -22.99
C LYS B 428 4.30 19.40 -21.51
N GLU B 429 5.24 19.92 -20.72
CA GLU B 429 5.12 19.87 -19.28
C GLU B 429 3.98 20.76 -18.80
N MET B 430 3.27 20.30 -17.77
CA MET B 430 2.05 20.95 -17.32
C MET B 430 2.35 21.87 -16.15
N GLU B 431 1.85 23.10 -16.23
CA GLU B 431 1.88 24.03 -15.10
C GLU B 431 0.60 23.80 -14.30
N GLY B 432 0.72 23.12 -13.18
CA GLY B 432 -0.43 22.80 -12.37
C GLY B 432 -0.61 23.76 -11.23
N PRO B 433 -1.86 24.12 -10.94
CA PRO B 433 -2.15 24.96 -9.78
C PRO B 433 -1.91 24.18 -8.48
N PRO B 434 -1.42 24.85 -7.44
CA PRO B 434 -1.24 24.17 -6.15
C PRO B 434 -2.59 23.97 -5.45
N GLY B 435 -2.54 23.18 -4.38
CA GLY B 435 -3.75 22.85 -3.65
C GLY B 435 -4.64 21.85 -4.36
N LEU B 436 -4.07 21.03 -5.24
CA LEU B 436 -4.83 20.07 -6.03
C LEU B 436 -4.45 18.67 -5.61
N ARG B 437 -5.45 17.88 -5.23
CA ARG B 437 -5.23 16.54 -4.69
C ARG B 437 -5.68 15.49 -5.71
N LEU B 438 -4.71 14.77 -6.26
CA LEU B 438 -4.98 13.63 -7.13
C LEU B 438 -4.42 12.38 -6.49
N PHE B 439 -5.30 11.42 -6.17
CA PHE B 439 -4.98 10.19 -5.46
C PHE B 439 -4.27 10.45 -4.13
N GLY B 440 -4.76 11.45 -3.41
CA GLY B 440 -4.22 11.78 -2.10
C GLY B 440 -2.87 12.44 -2.11
N SER B 441 -2.46 13.03 -3.24
CA SER B 441 -1.14 13.61 -3.34
C SER B 441 -1.15 14.93 -4.10
N PRO B 442 -0.32 15.89 -3.66
CA PRO B 442 -0.22 17.17 -4.37
C PRO B 442 0.28 16.98 -5.78
N LEU B 443 -0.24 17.76 -6.72
CA LEU B 443 0.18 17.63 -8.11
C LEU B 443 1.69 17.75 -8.21
N SER B 444 2.30 18.53 -7.34
CA SER B 444 3.74 18.68 -7.35
C SER B 444 4.43 17.34 -7.37
N ASP B 445 3.97 16.42 -6.53
CA ASP B 445 4.54 15.08 -6.47
C ASP B 445 4.70 14.48 -7.86
N TYR B 446 3.73 14.71 -8.74
CA TYR B 446 3.75 14.15 -10.08
C TYR B 446 4.58 15.00 -11.01
N TYR B 447 5.16 14.34 -12.02
CA TYR B 447 5.72 15.03 -13.19
C TYR B 447 4.69 14.99 -14.31
N ALA B 448 3.63 15.79 -14.13
CA ALA B 448 2.50 15.76 -15.05
C ALA B 448 2.84 16.40 -16.38
N TYR B 449 2.14 15.95 -17.43
CA TYR B 449 2.30 16.43 -18.80
C TYR B 449 0.91 16.62 -19.42
N SER B 450 0.87 17.30 -20.56
CA SER B 450 -0.40 17.62 -21.20
C SER B 450 -0.15 17.85 -22.68
N PRO B 451 -1.10 17.51 -23.55
CA PRO B 451 -0.90 17.75 -24.99
C PRO B 451 -1.01 19.24 -25.32
N VAL B 452 -0.33 19.62 -26.40
CA VAL B 452 -0.37 21.01 -26.86
C VAL B 452 -1.74 21.33 -27.44
N ARG B 453 -2.22 20.51 -28.37
CA ARG B 453 -3.47 20.76 -29.08
C ARG B 453 -4.54 19.79 -28.61
N GLU B 454 -5.71 20.31 -28.28
CA GLU B 454 -6.85 19.50 -27.89
C GLU B 454 -7.58 19.06 -29.15
N ARG B 455 -7.37 17.81 -29.56
CA ARG B 455 -7.99 17.23 -30.73
C ARG B 455 -9.07 16.25 -30.30
N ASP B 456 -10.21 16.30 -30.97
CA ASP B 456 -11.32 15.41 -30.62
C ASP B 456 -11.03 13.98 -31.07
N ALA B 457 -11.78 13.05 -30.50
CA ALA B 457 -11.57 11.63 -30.80
C ALA B 457 -12.02 11.28 -32.22
N HIS B 458 -13.22 11.73 -32.60
CA HIS B 458 -13.78 11.38 -33.91
C HIS B 458 -13.00 12.01 -35.05
N SER B 459 -12.41 13.18 -34.82
CA SER B 459 -11.64 13.84 -35.86
C SER B 459 -10.34 13.10 -36.15
N VAL B 460 -9.62 12.66 -35.11
CA VAL B 460 -8.39 11.92 -35.35
C VAL B 460 -8.70 10.51 -35.83
N LEU B 461 -9.88 9.97 -35.48
CA LEU B 461 -10.30 8.68 -36.04
C LEU B 461 -10.58 8.79 -37.53
N LEU B 462 -11.24 9.87 -37.97
CA LEU B 462 -11.45 10.09 -39.39
C LEU B 462 -10.15 10.38 -40.12
N SER B 463 -9.21 11.05 -39.45
CA SER B 463 -7.88 11.26 -40.02
C SER B 463 -7.15 9.94 -40.23
N HIS B 464 -7.29 9.01 -39.28
CA HIS B 464 -6.70 7.69 -39.44
C HIS B 464 -7.41 6.87 -40.51
N ILE B 465 -8.74 7.06 -40.65
CA ILE B 465 -9.50 6.38 -41.70
C ILE B 465 -9.02 6.83 -43.08
N PHE B 466 -8.81 8.13 -43.24
CA PHE B 466 -8.21 8.63 -44.48
C PHE B 466 -6.77 8.15 -44.64
N HIS B 467 -6.03 8.06 -43.53
CA HIS B 467 -4.64 7.61 -43.61
C HIS B 467 -4.54 6.10 -43.81
N GLY B 468 -5.43 5.34 -43.18
CA GLY B 468 -5.38 3.89 -43.27
C GLY B 468 -4.22 3.29 -42.53
N ARG B 469 -4.24 3.38 -41.19
CA ARG B 469 -3.17 2.85 -40.37
C ARG B 469 -3.55 1.59 -39.60
N LYS B 470 -4.85 1.37 -39.35
CA LYS B 470 -5.46 0.12 -38.91
C LYS B 470 -5.08 -0.31 -37.49
N ASN B 471 -4.18 0.41 -36.82
CA ASN B 471 -3.85 0.08 -35.45
C ASN B 471 -4.83 0.66 -34.46
N PHE B 472 -5.71 1.55 -34.91
CA PHE B 472 -6.64 2.27 -34.04
C PHE B 472 -8.08 1.80 -34.23
N PHE B 473 -8.26 0.59 -34.74
CA PHE B 473 -9.57 0.12 -35.18
C PHE B 473 -9.79 -1.32 -34.73
N ILE B 474 -11.07 -1.66 -34.54
CA ILE B 474 -11.46 -2.99 -34.07
C ILE B 474 -11.41 -3.97 -35.24
N THR B 475 -10.56 -4.98 -35.13
CA THR B 475 -10.52 -6.00 -36.16
C THR B 475 -11.61 -7.04 -35.92
N THR B 476 -11.74 -7.96 -36.87
CA THR B 476 -12.77 -9.00 -36.78
C THR B 476 -12.44 -10.02 -35.71
N GLU B 477 -11.15 -10.37 -35.58
CA GLU B 477 -10.74 -11.37 -34.60
C GLU B 477 -10.91 -10.86 -33.17
N ASN B 478 -10.43 -9.64 -32.90
CA ASN B 478 -10.43 -9.11 -31.55
C ASN B 478 -11.82 -8.74 -31.08
N LEU B 479 -12.76 -8.52 -31.99
CA LEU B 479 -14.14 -8.27 -31.59
C LEU B 479 -14.78 -9.54 -31.04
N LEU B 480 -14.62 -10.65 -31.73
CA LEU B 480 -15.17 -11.92 -31.24
C LEU B 480 -14.37 -12.46 -30.06
N ALA B 481 -13.07 -12.13 -30.00
CA ALA B 481 -12.25 -12.57 -28.86
C ALA B 481 -12.67 -11.90 -27.56
N SER B 482 -13.29 -10.73 -27.64
CA SER B 482 -13.74 -10.00 -26.47
C SER B 482 -15.19 -10.26 -26.10
N TRP B 483 -15.95 -10.96 -26.94
CA TRP B 483 -17.38 -11.13 -26.66
C TRP B 483 -17.68 -12.40 -25.88
N ASN B 484 -16.95 -13.48 -26.18
CA ASN B 484 -17.10 -14.71 -25.42
C ASN B 484 -16.49 -14.63 -24.03
N PHE B 485 -15.77 -13.55 -23.73
CA PHE B 485 -15.21 -13.37 -22.41
C PHE B 485 -16.22 -12.74 -21.46
N TRP B 486 -17.23 -12.04 -22.00
CA TRP B 486 -18.24 -11.43 -21.16
C TRP B 486 -19.61 -12.08 -21.32
N THR B 487 -19.81 -12.89 -22.37
CA THR B 487 -21.06 -13.64 -22.50
C THR B 487 -21.38 -14.58 -21.31
N PRO B 488 -20.44 -15.33 -20.72
CA PRO B 488 -20.79 -16.03 -19.47
C PRO B 488 -21.11 -15.11 -18.31
N LEU B 489 -20.49 -13.93 -18.25
CA LEU B 489 -20.84 -12.98 -17.20
C LEU B 489 -22.22 -12.39 -17.43
N LEU B 490 -22.58 -12.14 -18.69
CA LEU B 490 -23.92 -11.68 -19.01
C LEU B 490 -24.98 -12.74 -18.67
N GLU B 491 -24.69 -14.00 -18.96
CA GLU B 491 -25.66 -15.04 -18.65
C GLU B 491 -25.72 -15.32 -17.15
N SER B 492 -24.58 -15.15 -16.45
CA SER B 492 -24.54 -15.36 -15.01
C SER B 492 -25.32 -14.27 -14.27
N LEU B 493 -25.16 -13.02 -14.69
CA LEU B 493 -25.89 -11.90 -14.10
C LEU B 493 -27.18 -11.60 -14.84
N ALA B 494 -27.77 -12.60 -15.51
CA ALA B 494 -29.03 -12.41 -16.20
C ALA B 494 -30.23 -12.35 -15.26
N HIS B 495 -30.05 -12.69 -13.99
CA HIS B 495 -31.14 -12.62 -13.01
C HIS B 495 -30.73 -12.01 -11.69
N LYS B 496 -29.48 -11.55 -11.54
CA LYS B 496 -29.04 -10.92 -10.31
C LYS B 496 -29.63 -9.52 -10.22
N ALA B 497 -30.33 -9.24 -9.13
CA ALA B 497 -30.87 -7.91 -8.92
C ALA B 497 -29.74 -6.92 -8.63
N PRO B 498 -29.75 -5.75 -9.24
CA PRO B 498 -28.68 -4.77 -8.99
C PRO B 498 -28.86 -4.12 -7.63
N ARG B 499 -27.82 -3.42 -7.18
CA ARG B 499 -27.98 -2.61 -5.99
C ARG B 499 -28.59 -1.27 -6.37
N LEU B 500 -29.66 -0.88 -5.68
CA LEU B 500 -30.40 0.34 -5.98
C LEU B 500 -29.75 1.50 -5.25
N TYR B 501 -28.94 2.31 -5.98
CA TYR B 501 -28.36 3.46 -5.30
C TYR B 501 -29.17 4.72 -5.60
N PRO B 502 -29.27 5.66 -4.63
CA PRO B 502 -30.03 6.89 -4.89
C PRO B 502 -29.46 7.76 -6.00
N GLY B 503 -28.15 7.74 -6.22
CA GLY B 503 -27.57 8.40 -7.36
C GLY B 503 -27.03 9.79 -7.03
N GLY B 504 -26.13 10.25 -7.87
CA GLY B 504 -25.53 11.57 -7.70
C GLY B 504 -24.39 11.56 -6.71
N ALA B 505 -24.49 12.40 -5.68
CA ALA B 505 -23.49 12.43 -4.62
C ALA B 505 -23.94 11.74 -3.34
N GLU B 506 -25.18 11.24 -3.29
CA GLU B 506 -25.66 10.56 -2.09
C GLU B 506 -25.03 9.18 -1.92
N ASN B 507 -24.54 8.56 -2.99
CA ASN B 507 -23.95 7.23 -2.90
C ASN B 507 -22.49 7.36 -2.44
N GLY B 508 -22.33 7.61 -1.15
CA GLY B 508 -21.01 7.72 -0.57
C GLY B 508 -20.29 6.39 -0.51
N ARG B 509 -20.79 5.48 0.32
CA ARG B 509 -20.17 4.17 0.48
C ARG B 509 -21.11 3.04 0.06
N LEU B 510 -22.16 3.35 -0.70
CA LEU B 510 -23.08 2.30 -1.12
C LEU B 510 -22.48 1.46 -2.23
N LEU B 511 -21.65 2.05 -3.08
CA LEU B 511 -21.08 1.34 -4.21
C LEU B 511 -19.60 1.01 -4.03
N ASP B 512 -19.05 1.22 -2.84
CA ASP B 512 -17.67 0.84 -2.60
C ASP B 512 -17.55 -0.67 -2.48
N PHE B 513 -16.46 -1.21 -2.98
CA PHE B 513 -16.31 -2.64 -3.14
C PHE B 513 -14.89 -3.06 -2.81
N GLU B 514 -14.73 -4.34 -2.48
CA GLU B 514 -13.41 -4.91 -2.20
C GLU B 514 -13.21 -6.17 -3.03
N PHE B 515 -11.94 -6.49 -3.23
CA PHE B 515 -11.52 -7.74 -3.87
C PHE B 515 -10.82 -8.60 -2.82
N SER B 516 -11.42 -9.74 -2.51
CA SER B 516 -10.81 -10.76 -1.68
C SER B 516 -10.39 -11.93 -2.57
N SER B 517 -9.07 -12.15 -2.67
CA SER B 517 -8.43 -13.04 -3.62
C SER B 517 -8.90 -12.75 -5.04
N GLY B 518 -9.79 -13.59 -5.57
CA GLY B 518 -10.36 -13.34 -6.87
C GLY B 518 -11.86 -13.13 -6.86
N ARG B 519 -12.37 -12.48 -5.82
CA ARG B 519 -13.79 -12.24 -5.69
C ARG B 519 -14.05 -10.77 -5.36
N LEU B 520 -15.19 -10.26 -5.82
CA LEU B 520 -15.63 -8.89 -5.54
C LEU B 520 -16.88 -8.89 -4.69
N PHE B 521 -16.91 -7.99 -3.70
CA PHE B 521 -18.07 -7.90 -2.83
C PHE B 521 -18.23 -6.47 -2.34
N PHE B 522 -19.48 -6.11 -2.08
CA PHE B 522 -19.80 -4.79 -1.53
C PHE B 522 -19.35 -4.68 -0.08
N SER B 523 -18.84 -3.50 0.28
CA SER B 523 -18.40 -3.25 1.65
C SER B 523 -19.59 -3.22 2.60
N GLN B 524 -20.60 -2.43 2.26
CA GLN B 524 -21.84 -2.41 3.03
C GLN B 524 -22.72 -3.55 2.57
N GLN B 525 -23.45 -4.14 3.52
CA GLN B 525 -24.35 -5.26 3.25
C GLN B 525 -25.49 -4.89 2.30
#